data_3ULK
#
_entry.id   3ULK
#
_cell.length_a   144.459
_cell.length_b   144.459
_cell.length_c   217.545
_cell.angle_alpha   90.00
_cell.angle_beta   90.00
_cell.angle_gamma   120.00
#
_symmetry.space_group_name_H-M   'P 64 2 2'
#
loop_
_entity.id
_entity.type
_entity.pdbx_description
1 polymer 'Ketol-acid reductoisomerase'
2 non-polymer 'NADPH DIHYDRO-NICOTINAMIDE-ADENINE-DINUCLEOTIDE PHOSPHATE'
3 non-polymer 'SULFATE ION'
4 non-polymer 'MAGNESIUM ION'
5 water water
#
_entity_poly.entity_id   1
_entity_poly.type   'polypeptide(L)'
_entity_poly.pdbx_seq_one_letter_code
;MANYFNTLNLRQQLAQLGK(CSX)RFMGRDEFADGASYLQGKKVVIVGCGAQGLNQGLNMRDSGLDISYALRKEAIAEKR
ASWRKATENGFKVGTYEELIPQADLVINLTPDKQHSDVVRTVQPLMKDGAALGYSHGFNIVEVGEQIRKDITVVMVAPKC
PGTEVREEYKRGFGVPTLIAVHPENDPKGEGMAIAKAWAAATGGHRAGVLESSFVAEVKSDLMGEQTILCGMLQAGSLLC
FDKLVEEGTDPAYAEKLIQFGWETITEALKQGGITLMMDRLSNPAKLRAYALSEQLKEIMAPLFQKHMDDIISGEFSSGM
MADWANDDKKLLTWREETGKTAFETAPQYEGKIGEQEYFDKGVLMIAMVKAGVELAFETMVDSGIIEESAYYESLHELPL
IANTIARKRLYEMNVVISDTAEYGNYLFSYACVPLLKPFMAELQPGDLGKAIPEGAVDNGQLRDVNEAIRSHAIEQVGKK
LRGYMTDMKRIAVAG
;
_entity_poly.pdbx_strand_id   A,B
#
# COMPACT_ATOMS: atom_id res chain seq x y z
N MET A 1 -47.05 24.41 23.11
CA MET A 1 -47.29 23.00 22.80
C MET A 1 -46.06 22.36 22.18
N ALA A 2 -45.03 22.14 22.98
CA ALA A 2 -43.76 21.61 22.48
C ALA A 2 -43.84 20.11 22.20
N ASN A 3 -43.15 19.67 21.16
CA ASN A 3 -43.04 18.25 20.85
C ASN A 3 -42.67 17.49 22.13
N TYR A 4 -43.45 16.48 22.50
CA TYR A 4 -43.22 15.79 23.77
C TYR A 4 -41.92 14.97 23.74
N PHE A 5 -41.66 14.31 22.62
CA PHE A 5 -40.50 13.44 22.53
C PHE A 5 -39.25 14.27 22.77
N ASN A 6 -39.25 15.49 22.23
CA ASN A 6 -38.11 16.37 22.36
C ASN A 6 -37.89 16.93 23.77
N THR A 7 -38.90 16.88 24.64
CA THR A 7 -38.67 17.31 26.02
C THR A 7 -37.92 16.24 26.81
N LEU A 8 -37.75 15.07 26.21
CA LEU A 8 -37.08 13.96 26.91
C LEU A 8 -35.60 13.90 26.57
N ASN A 9 -34.79 13.46 27.54
CA ASN A 9 -33.37 13.26 27.31
C ASN A 9 -33.11 11.86 26.72
N LEU A 10 -31.88 11.57 26.32
CA LEU A 10 -31.60 10.33 25.58
C LEU A 10 -32.08 9.08 26.30
N ARG A 11 -31.80 8.99 27.59
CA ARG A 11 -32.17 7.80 28.37
C ARG A 11 -33.69 7.65 28.39
N GLN A 12 -34.37 8.77 28.52
CA GLN A 12 -35.82 8.76 28.61
C GLN A 12 -36.43 8.36 27.27
N GLN A 13 -35.82 8.85 26.18
CA GLN A 13 -36.30 8.53 24.84
C GLN A 13 -36.17 7.02 24.58
N LEU A 14 -34.97 6.49 24.75
CA LEU A 14 -34.72 5.06 24.62
C LEU A 14 -35.64 4.18 25.46
N ALA A 15 -35.92 4.59 26.70
CA ALA A 15 -36.80 3.81 27.53
C ALA A 15 -38.17 3.62 26.86
N GLN A 16 -38.68 4.66 26.20
N GLN A 16 -38.65 4.66 26.19
CA GLN A 16 -39.98 4.52 25.54
CA GLN A 16 -39.95 4.59 25.53
C GLN A 16 -39.86 3.91 24.14
C GLN A 16 -39.86 3.93 24.16
N LEU A 17 -38.82 4.28 23.41
CA LEU A 17 -38.62 3.78 22.07
C LEU A 17 -38.51 2.27 22.07
N GLY A 18 -37.88 1.73 23.12
CA GLY A 18 -37.63 0.31 23.20
C GLY A 18 -38.75 -0.50 23.86
N LYS A 19 -39.87 0.13 24.18
CA LYS A 19 -40.96 -0.58 24.85
C LYS A 19 -41.77 -1.40 23.86
N ARG A 21 -43.42 -5.64 24.08
CA ARG A 21 -43.42 -6.94 24.75
C ARG A 21 -44.69 -7.69 24.40
N PHE A 22 -44.55 -8.74 23.60
CA PHE A 22 -45.68 -9.60 23.30
C PHE A 22 -46.14 -10.16 24.64
N MET A 23 -47.42 -9.97 24.96
CA MET A 23 -47.91 -10.32 26.29
C MET A 23 -48.42 -11.75 26.40
N GLY A 24 -48.31 -12.31 27.61
CA GLY A 24 -48.81 -13.64 27.88
C GLY A 24 -50.32 -13.64 27.87
N ARG A 25 -50.90 -14.68 27.28
CA ARG A 25 -52.34 -14.89 27.28
C ARG A 25 -52.90 -14.81 28.70
N ASP A 26 -52.10 -15.29 29.65
N ASP A 26 -52.14 -15.27 29.68
CA ASP A 26 -52.43 -15.32 31.06
CA ASP A 26 -52.62 -15.29 31.05
C ASP A 26 -52.66 -13.93 31.67
C ASP A 26 -52.57 -13.93 31.76
N GLU A 27 -52.02 -12.92 31.08
CA GLU A 27 -52.06 -11.57 31.62
C GLU A 27 -53.44 -10.95 31.51
N PHE A 28 -54.31 -11.59 30.72
CA PHE A 28 -55.65 -11.07 30.47
C PHE A 28 -56.74 -11.91 31.14
N ALA A 29 -56.42 -12.50 32.28
CA ALA A 29 -57.39 -13.33 33.01
C ALA A 29 -58.63 -12.56 33.45
N ASP A 30 -58.46 -11.28 33.81
CA ASP A 30 -59.59 -10.47 34.25
C ASP A 30 -60.48 -9.99 33.11
N GLY A 31 -60.07 -10.26 31.87
CA GLY A 31 -60.84 -9.86 30.71
C GLY A 31 -61.11 -8.37 30.72
N ALA A 32 -62.36 -8.02 30.39
CA ALA A 32 -62.81 -6.62 30.38
C ALA A 32 -63.36 -6.14 31.73
N SER A 33 -63.19 -6.95 32.77
CA SER A 33 -63.87 -6.72 34.05
C SER A 33 -63.62 -5.35 34.67
N TYR A 34 -62.38 -4.87 34.56
CA TYR A 34 -61.99 -3.64 35.23
C TYR A 34 -62.86 -2.47 34.79
N LEU A 35 -63.47 -2.62 33.61
CA LEU A 35 -64.29 -1.56 33.03
C LEU A 35 -65.79 -1.83 33.18
N GLN A 36 -66.14 -3.04 33.63
N GLN A 36 -66.15 -3.04 33.62
CA GLN A 36 -67.54 -3.40 33.88
CA GLN A 36 -67.57 -3.38 33.77
C GLN A 36 -68.18 -2.44 34.86
C GLN A 36 -68.22 -2.54 34.87
N GLY A 37 -69.39 -1.99 34.53
CA GLY A 37 -70.10 -1.11 35.44
C GLY A 37 -69.51 0.28 35.49
N LYS A 38 -68.75 0.64 34.47
CA LYS A 38 -68.22 1.99 34.32
C LYS A 38 -68.79 2.61 33.05
N LYS A 39 -68.75 3.94 32.94
N LYS A 39 -68.75 3.93 32.95
CA LYS A 39 -69.30 4.58 31.76
CA LYS A 39 -69.27 4.61 31.76
C LYS A 39 -68.24 4.85 30.68
C LYS A 39 -68.19 4.81 30.71
N VAL A 40 -68.36 4.15 29.57
CA VAL A 40 -67.44 4.31 28.45
C VAL A 40 -68.11 5.10 27.33
N VAL A 41 -67.45 6.20 26.95
CA VAL A 41 -68.01 7.09 25.96
C VAL A 41 -67.03 7.24 24.84
N ILE A 42 -67.45 6.85 23.63
CA ILE A 42 -66.63 6.98 22.44
C ILE A 42 -66.95 8.28 21.73
N VAL A 43 -65.92 9.05 21.40
CA VAL A 43 -66.11 10.28 20.66
C VAL A 43 -65.91 10.04 19.18
N GLY A 44 -66.89 10.47 18.38
CA GLY A 44 -66.96 10.09 16.99
C GLY A 44 -67.58 8.71 16.86
N CYS A 45 -68.17 8.42 15.70
CA CYS A 45 -68.61 7.06 15.42
C CYS A 45 -68.22 6.75 13.97
N GLY A 46 -66.92 6.58 13.75
CA GLY A 46 -66.40 6.26 12.44
C GLY A 46 -65.97 4.80 12.36
N ALA A 47 -65.00 4.50 11.50
CA ALA A 47 -64.54 3.13 11.27
C ALA A 47 -64.09 2.41 12.54
N GLN A 48 -63.12 2.96 13.25
CA GLN A 48 -62.72 2.34 14.50
C GLN A 48 -63.79 2.51 15.57
N GLY A 49 -64.38 3.71 15.67
CA GLY A 49 -65.35 3.99 16.73
C GLY A 49 -66.54 3.06 16.82
N LEU A 50 -67.18 2.79 15.69
CA LEU A 50 -68.34 1.90 15.65
C LEU A 50 -67.96 0.45 15.93
N ASN A 51 -66.91 -0.02 15.25
CA ASN A 51 -66.49 -1.41 15.35
C ASN A 51 -65.86 -1.78 16.69
N GLN A 52 -65.03 -0.91 17.26
CA GLN A 52 -64.56 -1.13 18.61
C GLN A 52 -65.75 -1.13 19.56
N GLY A 53 -66.69 -0.21 19.33
CA GLY A 53 -67.87 -0.12 20.18
C GLY A 53 -68.73 -1.37 20.17
N LEU A 54 -69.01 -1.88 18.97
CA LEU A 54 -69.77 -3.14 18.85
C LEU A 54 -69.12 -4.25 19.67
N ASN A 55 -67.80 -4.40 19.53
CA ASN A 55 -67.07 -5.44 20.22
C ASN A 55 -67.14 -5.27 21.74
N MET A 56 -66.97 -4.03 22.17
CA MET A 56 -66.93 -3.74 23.59
C MET A 56 -68.30 -3.96 24.23
N ARG A 57 -69.36 -3.58 23.52
CA ARG A 57 -70.70 -3.83 24.05
C ARG A 57 -70.96 -5.35 24.17
N ASP A 58 -70.58 -6.11 23.15
CA ASP A 58 -70.73 -7.55 23.21
C ASP A 58 -69.93 -8.13 24.37
N SER A 59 -68.89 -7.42 24.79
CA SER A 59 -68.05 -7.92 25.86
C SER A 59 -68.57 -7.51 27.23
N GLY A 60 -69.71 -6.84 27.25
CA GLY A 60 -70.37 -6.52 28.51
C GLY A 60 -70.21 -5.09 28.97
N LEU A 61 -69.58 -4.25 28.15
CA LEU A 61 -69.31 -2.89 28.56
C LEU A 61 -70.45 -1.95 28.21
N ASP A 62 -70.55 -0.87 28.97
CA ASP A 62 -71.53 0.17 28.73
C ASP A 62 -70.96 1.21 27.78
N ILE A 63 -71.38 1.14 26.51
CA ILE A 63 -70.88 2.04 25.48
C ILE A 63 -71.90 3.06 25.02
N SER A 64 -71.51 4.33 24.99
CA SER A 64 -72.35 5.34 24.37
C SER A 64 -71.49 6.27 23.51
N TYR A 65 -72.12 6.98 22.55
CA TYR A 65 -71.40 7.81 21.59
C TYR A 65 -71.70 9.28 21.77
N ALA A 66 -70.64 10.06 21.98
CA ALA A 66 -70.75 11.50 22.09
C ALA A 66 -70.44 12.13 20.74
N LEU A 67 -71.41 12.86 20.21
CA LEU A 67 -71.28 13.55 18.92
C LEU A 67 -71.40 15.06 19.07
N ARG A 68 -70.88 15.79 18.09
CA ARG A 68 -71.11 17.23 18.06
C ARG A 68 -72.59 17.48 17.85
N LYS A 69 -73.10 18.56 18.44
CA LYS A 69 -74.52 18.90 18.37
C LYS A 69 -75.05 18.84 16.94
N GLU A 70 -74.29 19.41 16.01
CA GLU A 70 -74.71 19.49 14.61
C GLU A 70 -74.65 18.15 13.88
N ALA A 71 -73.85 17.21 14.39
CA ALA A 71 -73.82 15.86 13.82
C ALA A 71 -75.16 15.18 14.10
N ILE A 72 -75.67 15.40 15.30
CA ILE A 72 -76.99 14.89 15.65
C ILE A 72 -78.10 15.58 14.86
N ALA A 73 -78.10 16.91 14.88
CA ALA A 73 -79.14 17.66 14.16
C ALA A 73 -79.14 17.39 12.65
N GLU A 74 -77.96 17.14 12.07
CA GLU A 74 -77.87 16.91 10.62
C GLU A 74 -78.02 15.44 10.25
N LYS A 75 -78.17 14.58 11.25
CA LYS A 75 -78.33 13.15 11.04
C LYS A 75 -77.15 12.62 10.23
N ARG A 76 -75.94 12.90 10.71
CA ARG A 76 -74.75 12.41 10.03
C ARG A 76 -74.64 10.91 10.12
N ALA A 77 -73.86 10.33 9.21
CA ALA A 77 -73.71 8.89 9.15
C ALA A 77 -73.40 8.32 10.54
N SER A 78 -72.52 9.01 11.26
CA SER A 78 -72.15 8.61 12.62
C SER A 78 -73.39 8.45 13.51
N TRP A 79 -74.24 9.47 13.54
CA TRP A 79 -75.45 9.40 14.35
C TRP A 79 -76.37 8.28 13.88
N ARG A 80 -76.49 8.12 12.57
CA ARG A 80 -77.34 7.05 12.02
C ARG A 80 -76.80 5.67 12.35
N LYS A 81 -75.49 5.49 12.22
CA LYS A 81 -74.89 4.19 12.53
C LYS A 81 -75.06 3.86 14.02
N ALA A 82 -74.81 4.84 14.86
CA ALA A 82 -74.91 4.61 16.30
C ALA A 82 -76.34 4.20 16.68
N THR A 83 -77.31 4.94 16.16
CA THR A 83 -78.69 4.75 16.60
C THR A 83 -79.27 3.47 16.04
N GLU A 84 -78.94 3.15 14.79
CA GLU A 84 -79.47 1.95 14.18
C GLU A 84 -78.91 0.70 14.84
N ASN A 85 -77.75 0.82 15.49
CA ASN A 85 -77.19 -0.32 16.21
C ASN A 85 -77.64 -0.31 17.67
N GLY A 86 -78.56 0.58 17.98
CA GLY A 86 -79.16 0.63 19.30
C GLY A 86 -78.30 1.22 20.41
N PHE A 87 -77.24 1.94 20.04
CA PHE A 87 -76.40 2.60 21.04
C PHE A 87 -77.04 3.87 21.57
N LYS A 88 -76.76 4.20 22.83
CA LYS A 88 -77.12 5.51 23.33
C LYS A 88 -76.26 6.55 22.65
N VAL A 89 -76.86 7.67 22.27
CA VAL A 89 -76.15 8.75 21.58
C VAL A 89 -76.49 10.10 22.22
N GLY A 90 -75.48 10.96 22.38
CA GLY A 90 -75.72 12.26 22.98
C GLY A 90 -74.65 13.29 22.69
N THR A 91 -74.82 14.50 23.24
CA THR A 91 -73.84 15.56 23.06
C THR A 91 -72.68 15.38 24.05
N TYR A 92 -71.58 16.08 23.82
CA TYR A 92 -70.45 16.08 24.75
C TYR A 92 -70.94 16.46 26.15
N GLU A 93 -71.76 17.50 26.21
CA GLU A 93 -72.29 18.02 27.46
C GLU A 93 -73.12 16.98 28.20
N GLU A 94 -73.92 16.21 27.47
CA GLU A 94 -74.72 15.20 28.17
C GLU A 94 -74.01 13.90 28.54
N LEU A 95 -72.90 13.57 27.88
CA LEU A 95 -72.27 12.27 28.10
C LEU A 95 -70.87 12.29 28.73
N ILE A 96 -70.07 13.30 28.37
CA ILE A 96 -68.70 13.38 28.86
C ILE A 96 -68.57 13.53 30.38
N PRO A 97 -69.42 14.36 31.01
CA PRO A 97 -69.21 14.64 32.44
C PRO A 97 -69.26 13.42 33.38
N GLN A 98 -69.96 12.36 32.98
N GLN A 98 -69.96 12.36 33.00
CA GLN A 98 -70.09 11.15 33.80
CA GLN A 98 -70.01 11.16 33.85
C GLN A 98 -69.15 10.04 33.35
C GLN A 98 -69.19 9.99 33.31
N ALA A 99 -68.51 10.20 32.19
CA ALA A 99 -67.68 9.16 31.59
C ALA A 99 -66.48 8.74 32.44
N ASP A 100 -66.28 7.44 32.59
CA ASP A 100 -65.09 6.94 33.24
C ASP A 100 -63.94 6.82 32.24
N LEU A 101 -64.30 6.51 31.00
CA LEU A 101 -63.33 6.40 29.92
C LEU A 101 -63.89 7.09 28.70
N VAL A 102 -63.19 8.12 28.25
CA VAL A 102 -63.52 8.80 27.02
C VAL A 102 -62.54 8.35 25.96
N ILE A 103 -63.07 7.74 24.90
CA ILE A 103 -62.23 7.16 23.88
C ILE A 103 -62.26 8.04 22.62
N ASN A 104 -61.12 8.64 22.30
CA ASN A 104 -61.03 9.59 21.18
C ASN A 104 -60.81 8.84 19.88
N LEU A 105 -61.90 8.51 19.18
CA LEU A 105 -61.77 7.84 17.89
C LEU A 105 -62.14 8.75 16.71
N THR A 106 -61.44 9.89 16.63
CA THR A 106 -61.59 10.82 15.53
C THR A 106 -60.30 10.81 14.71
N PRO A 107 -60.32 11.45 13.54
CA PRO A 107 -59.08 11.44 12.75
C PRO A 107 -57.99 12.18 13.50
N ASP A 108 -56.78 11.63 13.44
CA ASP A 108 -55.63 12.19 14.16
C ASP A 108 -55.36 13.68 13.96
N LYS A 109 -55.51 14.16 12.73
CA LYS A 109 -55.28 15.57 12.41
C LYS A 109 -56.22 16.48 13.21
N GLN A 110 -57.34 15.93 13.62
CA GLN A 110 -58.37 16.64 14.36
C GLN A 110 -58.22 16.56 15.88
N HIS A 111 -57.26 15.77 16.37
CA HIS A 111 -57.19 15.51 17.82
C HIS A 111 -57.07 16.73 18.75
N SER A 112 -56.30 17.74 18.37
CA SER A 112 -56.20 18.95 19.20
C SER A 112 -57.57 19.59 19.45
N ASP A 113 -58.32 19.80 18.37
N ASP A 113 -58.32 19.83 18.38
CA ASP A 113 -59.67 20.37 18.47
CA ASP A 113 -59.67 20.35 18.50
C ASP A 113 -60.58 19.51 19.36
C ASP A 113 -60.46 19.49 19.48
N VAL A 114 -60.47 18.18 19.24
CA VAL A 114 -61.31 17.27 20.03
C VAL A 114 -60.92 17.27 21.51
N VAL A 115 -59.64 17.03 21.78
CA VAL A 115 -59.17 16.95 23.15
C VAL A 115 -59.43 18.24 23.90
N ARG A 116 -59.19 19.37 23.25
CA ARG A 116 -59.36 20.65 23.91
C ARG A 116 -60.82 21.00 24.23
N THR A 117 -61.75 20.45 23.45
CA THR A 117 -63.17 20.62 23.71
C THR A 117 -63.66 19.64 24.78
N VAL A 118 -63.04 18.47 24.83
CA VAL A 118 -63.54 17.41 25.70
C VAL A 118 -62.98 17.42 27.13
N GLN A 119 -61.72 17.79 27.27
CA GLN A 119 -61.07 17.78 28.60
C GLN A 119 -61.87 18.52 29.65
N PRO A 120 -62.20 19.79 29.41
CA PRO A 120 -62.84 20.59 30.45
C PRO A 120 -64.13 19.93 30.95
N LEU A 121 -64.73 19.06 30.14
CA LEU A 121 -65.98 18.40 30.51
C LEU A 121 -65.76 17.09 31.29
N MET A 122 -64.53 16.59 31.29
CA MET A 122 -64.23 15.32 31.94
C MET A 122 -64.08 15.48 33.45
N LYS A 123 -64.69 14.58 34.21
CA LYS A 123 -64.62 14.65 35.68
C LYS A 123 -63.22 14.33 36.19
N ASP A 124 -62.98 14.59 37.47
CA ASP A 124 -61.67 14.32 38.06
C ASP A 124 -61.36 12.82 38.08
N GLY A 125 -60.18 12.45 37.63
CA GLY A 125 -59.75 11.06 37.66
C GLY A 125 -60.32 10.17 36.56
N ALA A 126 -61.02 10.77 35.59
CA ALA A 126 -61.48 10.01 34.43
C ALA A 126 -60.31 9.68 33.53
N ALA A 127 -60.54 8.81 32.55
CA ALA A 127 -59.45 8.37 31.67
C ALA A 127 -59.73 8.77 30.22
N LEU A 128 -58.67 9.18 29.52
CA LEU A 128 -58.74 9.53 28.10
C LEU A 128 -57.99 8.50 27.27
N GLY A 129 -58.65 7.96 26.24
CA GLY A 129 -58.05 6.91 25.45
C GLY A 129 -57.81 7.31 24.01
N TYR A 130 -56.70 6.86 23.42
CA TYR A 130 -56.40 7.07 22.00
C TYR A 130 -56.15 5.73 21.31
N SER A 131 -56.30 5.68 20.00
CA SER A 131 -55.87 4.50 19.24
C SER A 131 -54.63 4.78 18.38
N HIS A 132 -54.07 5.96 18.55
CA HIS A 132 -52.84 6.34 17.87
C HIS A 132 -52.24 7.50 18.65
N GLY A 133 -50.91 7.56 18.73
CA GLY A 133 -50.27 8.41 19.71
C GLY A 133 -49.78 9.78 19.27
N PHE A 134 -50.03 10.13 18.00
CA PHE A 134 -49.47 11.34 17.40
C PHE A 134 -49.76 12.62 18.20
N ASN A 135 -50.99 12.74 18.70
CA ASN A 135 -51.39 13.90 19.48
C ASN A 135 -50.53 14.10 20.73
N ILE A 136 -50.34 13.02 21.49
CA ILE A 136 -49.54 13.08 22.71
C ILE A 136 -48.06 13.32 22.40
N VAL A 137 -47.56 12.63 21.39
CA VAL A 137 -46.13 12.56 21.14
C VAL A 137 -45.56 13.71 20.29
N GLU A 138 -46.11 13.88 19.08
CA GLU A 138 -45.63 14.91 18.15
C GLU A 138 -46.21 16.30 18.44
N VAL A 139 -47.52 16.34 18.68
CA VAL A 139 -48.18 17.61 18.95
C VAL A 139 -47.81 18.06 20.35
N GLY A 140 -47.68 17.11 21.26
CA GLY A 140 -47.36 17.42 22.64
C GLY A 140 -48.57 17.91 23.42
N GLU A 141 -49.77 17.46 23.03
CA GLU A 141 -50.99 17.84 23.75
C GLU A 141 -50.79 17.63 25.25
N GLN A 142 -51.17 18.63 26.04
CA GLN A 142 -51.05 18.55 27.51
C GLN A 142 -52.36 18.07 28.13
N ILE A 143 -52.31 16.94 28.80
CA ILE A 143 -53.53 16.39 29.37
C ILE A 143 -53.57 16.67 30.86
N ARG A 144 -54.67 17.25 31.31
CA ARG A 144 -54.88 17.56 32.72
C ARG A 144 -54.33 16.44 33.63
N LYS A 145 -53.51 16.83 34.60
CA LYS A 145 -52.82 15.89 35.49
C LYS A 145 -53.63 14.74 36.11
N ASP A 146 -54.88 14.98 36.48
CA ASP A 146 -55.66 13.94 37.17
C ASP A 146 -56.20 12.90 36.20
N ILE A 147 -56.06 13.16 34.90
CA ILE A 147 -56.60 12.27 33.89
C ILE A 147 -55.62 11.17 33.51
N THR A 148 -56.09 9.93 33.44
CA THR A 148 -55.27 8.82 32.99
C THR A 148 -55.35 8.65 31.47
N VAL A 149 -54.19 8.64 30.82
CA VAL A 149 -54.14 8.59 29.37
C VAL A 149 -53.59 7.23 28.90
N VAL A 150 -54.36 6.51 28.09
CA VAL A 150 -53.95 5.18 27.65
C VAL A 150 -54.17 5.03 26.15
N MET A 151 -53.50 4.04 25.58
CA MET A 151 -53.73 3.73 24.16
C MET A 151 -54.07 2.27 23.93
N VAL A 152 -55.05 2.03 23.07
CA VAL A 152 -55.29 0.71 22.54
C VAL A 152 -55.38 0.82 21.02
N ALA A 153 -54.45 0.15 20.33
CA ALA A 153 -54.31 0.34 18.88
C ALA A 153 -54.39 -0.97 18.13
N PRO A 154 -55.57 -1.29 17.59
CA PRO A 154 -55.66 -2.50 16.76
C PRO A 154 -54.77 -2.35 15.52
N LYS A 155 -54.20 -3.44 15.02
CA LYS A 155 -53.39 -3.42 13.80
C LYS A 155 -54.21 -3.79 12.57
N CYS A 156 -55.49 -3.49 12.57
CA CYS A 156 -56.35 -3.77 11.41
C CYS A 156 -57.46 -2.74 11.29
N PRO A 157 -58.00 -2.57 10.08
CA PRO A 157 -59.11 -1.64 9.93
C PRO A 157 -60.32 -2.10 10.76
N GLY A 158 -61.17 -1.16 11.15
CA GLY A 158 -62.34 -1.45 11.97
C GLY A 158 -63.18 -2.66 11.55
N THR A 159 -63.46 -2.78 10.24
CA THR A 159 -64.30 -3.88 9.76
C THR A 159 -63.69 -5.25 10.10
N GLU A 160 -62.39 -5.37 9.96
CA GLU A 160 -61.71 -6.62 10.30
C GLU A 160 -61.76 -6.82 11.81
N VAL A 161 -61.68 -5.72 12.55
CA VAL A 161 -61.74 -5.78 14.00
C VAL A 161 -63.08 -6.40 14.41
N ARG A 162 -64.14 -5.93 13.79
CA ARG A 162 -65.48 -6.40 14.15
C ARG A 162 -65.66 -7.83 13.67
N GLU A 163 -65.25 -8.10 12.44
CA GLU A 163 -65.45 -9.40 11.81
C GLU A 163 -64.73 -10.51 12.58
N GLU A 164 -63.46 -10.30 12.90
CA GLU A 164 -62.69 -11.29 13.64
C GLU A 164 -63.27 -11.53 15.03
N TYR A 165 -63.82 -10.47 15.61
CA TYR A 165 -64.41 -10.60 16.93
C TYR A 165 -65.64 -11.49 16.85
N LYS A 166 -66.48 -11.28 15.84
CA LYS A 166 -67.72 -12.03 15.71
C LYS A 166 -67.44 -13.53 15.69
N ARG A 167 -66.40 -13.93 14.96
CA ARG A 167 -66.05 -15.35 14.86
C ARG A 167 -65.19 -15.84 16.01
N GLY A 168 -65.30 -15.19 17.17
CA GLY A 168 -64.65 -15.64 18.38
C GLY A 168 -63.17 -15.36 18.44
N PHE A 169 -62.68 -14.59 17.49
CA PHE A 169 -61.27 -14.27 17.39
C PHE A 169 -61.07 -12.76 17.54
N GLY A 170 -60.01 -12.24 16.93
CA GLY A 170 -59.69 -10.83 17.07
C GLY A 170 -58.46 -10.45 16.27
N VAL A 171 -57.87 -9.33 16.64
CA VAL A 171 -56.86 -8.68 15.83
C VAL A 171 -55.68 -8.29 16.72
N PRO A 172 -54.44 -8.46 16.23
CA PRO A 172 -53.27 -8.06 17.02
C PRO A 172 -53.38 -6.59 17.42
N THR A 173 -52.98 -6.26 18.64
CA THR A 173 -53.27 -4.96 19.23
C THR A 173 -52.10 -4.46 20.07
N LEU A 174 -51.86 -3.16 20.04
N LEU A 174 -51.83 -3.17 20.00
CA LEU A 174 -50.80 -2.57 20.83
CA LEU A 174 -50.81 -2.55 20.84
C LEU A 174 -51.41 -1.71 21.95
C LEU A 174 -51.48 -1.81 21.98
N ILE A 175 -50.82 -1.78 23.14
CA ILE A 175 -51.32 -0.98 24.25
C ILE A 175 -50.21 -0.15 24.85
N ALA A 176 -50.59 0.97 25.45
CA ALA A 176 -49.62 1.81 26.14
C ALA A 176 -50.29 2.66 27.22
N VAL A 177 -49.46 3.20 28.11
CA VAL A 177 -49.91 4.12 29.12
C VAL A 177 -48.91 5.26 29.11
N HIS A 178 -49.41 6.49 29.02
CA HIS A 178 -48.56 7.67 28.97
C HIS A 178 -48.10 7.99 30.40
N PRO A 179 -46.79 7.96 30.62
CA PRO A 179 -46.30 8.03 32.01
C PRO A 179 -46.58 9.38 32.69
N GLU A 180 -46.74 10.44 31.91
CA GLU A 180 -47.10 11.74 32.47
C GLU A 180 -48.54 11.73 33.00
N ASN A 181 -49.32 10.72 32.62
CA ASN A 181 -50.74 10.66 32.97
C ASN A 181 -51.17 9.28 33.42
N ASP A 182 -50.63 8.84 34.55
CA ASP A 182 -51.07 7.62 35.19
C ASP A 182 -51.10 7.88 36.70
N PRO A 183 -51.84 8.92 37.13
CA PRO A 183 -51.81 9.39 38.52
C PRO A 183 -52.31 8.35 39.54
N LYS A 184 -53.28 7.52 39.17
CA LYS A 184 -53.78 6.49 40.07
C LYS A 184 -53.13 5.13 39.79
N GLY A 185 -52.19 5.10 38.86
CA GLY A 185 -51.53 3.86 38.47
C GLY A 185 -52.46 2.80 37.90
N GLU A 186 -53.59 3.23 37.37
CA GLU A 186 -54.54 2.26 36.79
C GLU A 186 -54.48 2.17 35.25
N GLY A 187 -53.56 2.91 34.64
CA GLY A 187 -53.38 2.92 33.20
C GLY A 187 -53.42 1.54 32.56
N MET A 188 -52.53 0.64 32.99
CA MET A 188 -52.45 -0.69 32.41
C MET A 188 -53.73 -1.50 32.56
N ALA A 189 -54.39 -1.36 33.71
CA ALA A 189 -55.62 -2.12 33.94
C ALA A 189 -56.72 -1.65 33.00
N ILE A 190 -56.84 -0.34 32.85
CA ILE A 190 -57.79 0.22 31.91
C ILE A 190 -57.49 -0.23 30.47
N ALA A 191 -56.24 -0.08 30.06
CA ALA A 191 -55.84 -0.44 28.70
C ALA A 191 -56.03 -1.93 28.42
N LYS A 192 -55.65 -2.78 29.37
CA LYS A 192 -55.81 -4.21 29.17
C LYS A 192 -57.28 -4.59 29.03
N ALA A 193 -58.14 -3.96 29.83
CA ALA A 193 -59.55 -4.28 29.81
C ALA A 193 -60.18 -3.79 28.52
N TRP A 194 -59.76 -2.60 28.08
CA TRP A 194 -60.23 -2.06 26.82
C TRP A 194 -59.78 -2.97 25.68
N ALA A 195 -58.51 -3.38 25.72
CA ALA A 195 -58.01 -4.25 24.66
C ALA A 195 -58.78 -5.57 24.64
N ALA A 196 -58.94 -6.18 25.82
CA ALA A 196 -59.66 -7.45 25.91
C ALA A 196 -61.11 -7.30 25.41
N ALA A 197 -61.76 -6.21 25.77
CA ALA A 197 -63.15 -5.99 25.33
C ALA A 197 -63.30 -5.89 23.80
N THR A 198 -62.22 -5.51 23.09
CA THR A 198 -62.27 -5.46 21.62
C THR A 198 -61.85 -6.78 21.01
N GLY A 199 -61.31 -7.67 21.85
CA GLY A 199 -60.95 -9.01 21.42
C GLY A 199 -59.47 -9.21 21.16
N GLY A 200 -58.68 -8.15 21.38
CA GLY A 200 -57.26 -8.17 21.06
C GLY A 200 -56.48 -9.31 21.71
N HIS A 201 -56.83 -9.65 22.95
CA HIS A 201 -56.10 -10.65 23.72
C HIS A 201 -56.29 -12.04 23.12
N ARG A 202 -57.19 -12.16 22.16
CA ARG A 202 -57.40 -13.44 21.51
C ARG A 202 -56.36 -13.66 20.40
N ALA A 203 -55.78 -12.58 19.90
CA ALA A 203 -54.91 -12.63 18.72
C ALA A 203 -53.47 -12.26 19.05
N GLY A 204 -53.27 -11.55 20.15
CA GLY A 204 -51.93 -11.14 20.58
C GLY A 204 -51.90 -9.66 20.92
N VAL A 205 -51.41 -9.34 22.12
CA VAL A 205 -51.32 -7.95 22.53
C VAL A 205 -49.89 -7.58 22.86
N LEU A 206 -49.44 -6.44 22.36
CA LEU A 206 -48.08 -5.97 22.65
C LEU A 206 -48.06 -4.76 23.56
N GLU A 207 -47.35 -4.89 24.68
CA GLU A 207 -47.21 -3.78 25.61
C GLU A 207 -46.11 -2.86 25.11
N SER A 208 -46.48 -1.65 24.75
CA SER A 208 -45.57 -0.76 24.08
C SER A 208 -45.71 0.62 24.72
N SER A 209 -45.50 1.67 23.94
CA SER A 209 -45.62 3.02 24.45
C SER A 209 -46.05 3.97 23.32
N PHE A 210 -46.59 5.12 23.72
CA PHE A 210 -47.01 6.12 22.77
C PHE A 210 -45.86 6.46 21.83
N VAL A 211 -44.69 6.68 22.40
CA VAL A 211 -43.53 7.07 21.63
C VAL A 211 -43.11 6.00 20.59
N ALA A 212 -43.10 4.75 21.01
CA ALA A 212 -42.64 3.70 20.11
C ALA A 212 -43.66 3.50 18.99
N GLU A 213 -44.93 3.51 19.35
CA GLU A 213 -46.00 3.32 18.37
C GLU A 213 -45.89 4.42 17.32
N VAL A 214 -45.73 5.66 17.78
CA VAL A 214 -45.74 6.79 16.86
C VAL A 214 -44.52 6.82 15.96
N LYS A 215 -43.33 6.69 16.55
CA LYS A 215 -42.11 6.82 15.78
C LYS A 215 -42.01 5.71 14.73
N SER A 216 -42.43 4.50 15.08
CA SER A 216 -42.30 3.38 14.16
C SER A 216 -43.38 3.44 13.09
N ASP A 217 -44.59 3.83 13.49
CA ASP A 217 -45.66 3.99 12.52
C ASP A 217 -45.28 4.98 11.42
N LEU A 218 -44.78 6.15 11.81
CA LEU A 218 -44.39 7.16 10.83
C LEU A 218 -43.27 6.65 9.92
N MET A 219 -42.30 5.95 10.48
CA MET A 219 -41.20 5.47 9.63
C MET A 219 -41.70 4.47 8.60
N GLY A 220 -42.49 3.50 9.06
CA GLY A 220 -43.02 2.47 8.18
C GLY A 220 -43.82 3.03 7.00
N GLU A 221 -44.74 3.94 7.29
CA GLU A 221 -45.63 4.45 6.27
C GLU A 221 -44.87 5.31 5.26
N GLN A 222 -43.94 6.12 5.77
CA GLN A 222 -43.17 7.04 4.92
C GLN A 222 -42.28 6.31 3.96
N THR A 223 -41.60 5.29 4.46
CA THR A 223 -40.65 4.57 3.63
C THR A 223 -41.32 3.38 2.91
N ILE A 224 -41.32 2.21 3.52
CA ILE A 224 -41.79 1.02 2.82
C ILE A 224 -43.28 0.98 2.44
N LEU A 225 -44.18 1.35 3.35
CA LEU A 225 -45.61 1.13 3.09
C LEU A 225 -46.21 1.95 1.94
N CYS A 226 -45.98 3.27 1.98
CA CYS A 226 -46.56 4.16 0.99
C CYS A 226 -45.51 4.84 0.12
N GLY A 227 -44.47 5.38 0.74
CA GLY A 227 -43.39 5.99 -0.03
C GLY A 227 -42.79 5.07 -1.08
N MET A 228 -42.40 3.87 -0.67
CA MET A 228 -41.78 2.93 -1.59
C MET A 228 -42.76 2.42 -2.64
N LEU A 229 -43.99 2.10 -2.25
CA LEU A 229 -44.97 1.61 -3.21
C LEU A 229 -45.28 2.67 -4.30
N GLN A 230 -45.38 3.93 -3.90
CA GLN A 230 -45.59 5.00 -4.87
C GLN A 230 -44.36 5.19 -5.77
N ALA A 231 -43.19 5.34 -5.16
CA ALA A 231 -41.97 5.56 -5.94
C ALA A 231 -41.76 4.37 -6.87
N GLY A 232 -41.93 3.17 -6.32
CA GLY A 232 -41.77 1.94 -7.10
C GLY A 232 -42.75 1.83 -8.25
N SER A 233 -44.01 2.20 -8.00
CA SER A 233 -45.03 2.15 -9.04
C SER A 233 -44.68 3.07 -10.22
N LEU A 234 -44.31 4.31 -9.90
CA LEU A 234 -43.96 5.27 -10.96
C LEU A 234 -42.69 4.85 -11.72
N LEU A 235 -41.64 4.46 -10.99
CA LEU A 235 -40.38 4.06 -11.61
C LEU A 235 -40.57 2.86 -12.54
N CYS A 236 -41.24 1.84 -12.02
CA CYS A 236 -41.44 0.62 -12.79
C CYS A 236 -42.37 0.84 -13.99
N PHE A 237 -43.48 1.53 -13.80
CA PHE A 237 -44.38 1.79 -14.92
C PHE A 237 -43.66 2.55 -16.01
N ASP A 238 -42.96 3.61 -15.63
CA ASP A 238 -42.25 4.44 -16.60
C ASP A 238 -41.19 3.61 -17.33
N LYS A 239 -40.50 2.73 -16.59
CA LYS A 239 -39.44 1.94 -17.19
C LYS A 239 -40.02 0.97 -18.19
N LEU A 240 -41.12 0.32 -17.84
CA LEU A 240 -41.74 -0.63 -18.75
C LEU A 240 -42.09 0.07 -20.06
N VAL A 241 -42.80 1.18 -19.97
CA VAL A 241 -43.22 1.92 -21.15
C VAL A 241 -42.00 2.35 -21.97
N GLU A 242 -41.01 2.91 -21.29
CA GLU A 242 -39.79 3.38 -21.94
C GLU A 242 -39.07 2.28 -22.73
N GLU A 243 -39.21 1.03 -22.30
CA GLU A 243 -38.58 -0.10 -22.98
C GLU A 243 -39.53 -0.85 -23.90
N GLY A 244 -40.66 -0.24 -24.24
CA GLY A 244 -41.54 -0.81 -25.26
C GLY A 244 -42.71 -1.66 -24.83
N THR A 245 -42.90 -1.89 -23.53
CA THR A 245 -44.07 -2.64 -23.10
C THR A 245 -45.34 -1.83 -23.35
N ASP A 246 -46.39 -2.52 -23.80
CA ASP A 246 -47.71 -1.93 -23.98
C ASP A 246 -48.15 -1.23 -22.70
N PRO A 247 -48.42 0.09 -22.77
CA PRO A 247 -48.77 0.85 -21.57
C PRO A 247 -49.90 0.22 -20.74
N ALA A 248 -50.99 -0.19 -21.37
CA ALA A 248 -52.11 -0.76 -20.62
C ALA A 248 -51.69 -2.04 -19.89
N TYR A 249 -50.79 -2.80 -20.50
CA TYR A 249 -50.30 -4.03 -19.88
C TYR A 249 -49.37 -3.70 -18.71
N ALA A 250 -48.51 -2.71 -18.91
CA ALA A 250 -47.63 -2.21 -17.85
C ALA A 250 -48.45 -1.71 -16.68
N GLU A 251 -49.52 -0.96 -16.94
CA GLU A 251 -50.29 -0.40 -15.83
C GLU A 251 -50.95 -1.50 -15.00
N LYS A 252 -51.41 -2.56 -15.64
CA LYS A 252 -52.05 -3.67 -14.91
C LYS A 252 -51.01 -4.49 -14.13
N LEU A 253 -49.85 -4.69 -14.74
CA LEU A 253 -48.75 -5.39 -14.10
C LEU A 253 -48.39 -4.73 -12.76
N ILE A 254 -48.23 -3.42 -12.79
CA ILE A 254 -47.90 -2.65 -11.61
C ILE A 254 -49.08 -2.54 -10.65
N GLN A 255 -50.28 -2.32 -11.17
CA GLN A 255 -51.44 -2.13 -10.31
C GLN A 255 -51.69 -3.35 -9.43
N PHE A 256 -51.52 -4.54 -10.00
CA PHE A 256 -51.86 -5.79 -9.30
C PHE A 256 -50.65 -6.60 -8.86
N GLY A 257 -49.47 -6.16 -9.25
CA GLY A 257 -48.25 -6.86 -8.92
C GLY A 257 -47.92 -6.81 -7.43
N TRP A 258 -47.90 -5.61 -6.86
CA TRP A 258 -47.59 -5.47 -5.45
C TRP A 258 -48.48 -6.38 -4.61
N GLU A 259 -49.78 -6.35 -4.91
CA GLU A 259 -50.74 -7.17 -4.18
C GLU A 259 -50.40 -8.65 -4.31
N THR A 260 -50.18 -9.11 -5.53
CA THR A 260 -49.86 -10.52 -5.75
C THR A 260 -48.58 -10.98 -5.04
N ILE A 261 -47.50 -10.22 -5.17
CA ILE A 261 -46.26 -10.63 -4.53
C ILE A 261 -46.30 -10.48 -3.00
N THR A 262 -47.02 -9.48 -2.49
CA THR A 262 -47.11 -9.29 -1.04
C THR A 262 -48.02 -10.32 -0.38
N GLU A 263 -48.82 -11.01 -1.17
CA GLU A 263 -49.62 -12.09 -0.59
C GLU A 263 -48.71 -13.27 -0.16
N ALA A 264 -47.61 -13.49 -0.87
CA ALA A 264 -46.61 -14.48 -0.45
C ALA A 264 -45.91 -13.94 0.78
N LEU A 265 -45.67 -12.64 0.78
CA LEU A 265 -45.08 -11.97 1.94
C LEU A 265 -45.97 -12.15 3.18
N LYS A 266 -47.27 -11.96 3.00
CA LYS A 266 -48.22 -12.14 4.09
C LYS A 266 -48.17 -13.57 4.65
N GLN A 267 -48.04 -14.56 3.77
CA GLN A 267 -48.05 -15.95 4.19
C GLN A 267 -46.72 -16.44 4.78
N GLY A 268 -45.59 -15.88 4.34
CA GLY A 268 -44.32 -16.40 4.81
C GLY A 268 -43.14 -15.47 4.73
N GLY A 269 -43.37 -14.17 4.83
CA GLY A 269 -42.30 -13.19 4.88
C GLY A 269 -41.52 -13.07 3.58
N ILE A 270 -40.40 -12.37 3.63
CA ILE A 270 -39.56 -12.19 2.45
C ILE A 270 -39.10 -13.54 1.93
N THR A 271 -38.87 -14.47 2.84
CA THR A 271 -38.44 -15.83 2.47
C THR A 271 -39.35 -16.47 1.40
N LEU A 272 -40.66 -16.50 1.66
CA LEU A 272 -41.60 -17.13 0.73
C LEU A 272 -41.75 -16.33 -0.56
N MET A 273 -41.69 -15.01 -0.44
CA MET A 273 -41.88 -14.17 -1.60
C MET A 273 -40.75 -14.44 -2.60
N MET A 274 -39.53 -14.48 -2.11
CA MET A 274 -38.37 -14.85 -2.93
C MET A 274 -38.46 -16.29 -3.44
N ASP A 275 -38.98 -17.20 -2.61
CA ASP A 275 -39.10 -18.61 -3.00
C ASP A 275 -40.02 -18.87 -4.20
N ARG A 276 -40.93 -17.95 -4.48
CA ARG A 276 -41.83 -18.11 -5.61
C ARG A 276 -41.14 -17.86 -6.94
N LEU A 277 -39.94 -17.27 -6.89
CA LEU A 277 -39.17 -17.05 -8.11
C LEU A 277 -38.38 -18.31 -8.49
N SER A 278 -38.03 -18.44 -9.76
CA SER A 278 -37.08 -19.46 -10.18
C SER A 278 -35.74 -19.14 -9.58
N ASN A 279 -34.85 -20.12 -9.53
CA ASN A 279 -33.55 -19.91 -8.91
C ASN A 279 -32.70 -18.77 -9.48
N PRO A 280 -32.54 -18.71 -10.81
CA PRO A 280 -31.76 -17.59 -11.35
C PRO A 280 -32.44 -16.26 -11.06
N ALA A 281 -33.78 -16.23 -11.15
CA ALA A 281 -34.49 -15.00 -10.86
C ALA A 281 -34.31 -14.62 -9.40
N LYS A 282 -34.32 -15.60 -8.50
CA LYS A 282 -34.11 -15.30 -7.09
C LYS A 282 -32.73 -14.67 -6.85
N LEU A 283 -31.70 -15.23 -7.47
CA LEU A 283 -30.36 -14.70 -7.31
C LEU A 283 -30.27 -13.25 -7.79
N ARG A 284 -30.92 -12.96 -8.91
CA ARG A 284 -30.94 -11.62 -9.47
C ARG A 284 -31.74 -10.67 -8.58
N ALA A 285 -32.90 -11.11 -8.12
CA ALA A 285 -33.72 -10.31 -7.23
C ALA A 285 -32.92 -9.94 -5.98
N TYR A 286 -32.21 -10.92 -5.42
CA TYR A 286 -31.41 -10.69 -4.24
C TYR A 286 -30.38 -9.59 -4.50
N ALA A 287 -29.66 -9.70 -5.62
CA ALA A 287 -28.61 -8.73 -5.96
C ALA A 287 -29.16 -7.32 -6.19
N LEU A 288 -30.28 -7.22 -6.88
CA LEU A 288 -30.94 -5.92 -7.09
C LEU A 288 -31.30 -5.28 -5.76
N SER A 289 -31.82 -6.11 -4.86
CA SER A 289 -32.19 -5.64 -3.53
C SER A 289 -30.98 -5.09 -2.78
N GLU A 290 -29.85 -5.79 -2.87
CA GLU A 290 -28.63 -5.31 -2.20
C GLU A 290 -28.15 -3.95 -2.75
N GLN A 291 -28.22 -3.78 -4.06
CA GLN A 291 -27.86 -2.51 -4.69
C GLN A 291 -28.84 -1.41 -4.29
N LEU A 292 -30.12 -1.78 -4.21
CA LEU A 292 -31.13 -0.82 -3.80
C LEU A 292 -30.86 -0.36 -2.37
N LYS A 293 -30.61 -1.31 -1.48
CA LYS A 293 -30.39 -0.98 -0.07
C LYS A 293 -29.21 -0.02 0.08
N GLU A 294 -28.18 -0.23 -0.72
CA GLU A 294 -27.01 0.62 -0.67
C GLU A 294 -27.30 2.03 -1.18
N ILE A 295 -28.05 2.14 -2.26
CA ILE A 295 -28.41 3.45 -2.79
C ILE A 295 -29.36 4.22 -1.86
N MET A 296 -30.33 3.54 -1.30
CA MET A 296 -31.39 4.19 -0.52
C MET A 296 -31.09 4.43 0.97
N ALA A 297 -30.05 3.78 1.51
CA ALA A 297 -29.80 3.88 2.96
C ALA A 297 -29.74 5.33 3.50
N PRO A 298 -29.02 6.23 2.82
CA PRO A 298 -29.02 7.61 3.35
C PRO A 298 -30.42 8.23 3.39
N LEU A 299 -31.25 7.99 2.38
CA LEU A 299 -32.61 8.52 2.36
C LEU A 299 -33.48 7.95 3.48
N PHE A 300 -33.41 6.63 3.69
CA PHE A 300 -34.18 6.01 4.78
C PHE A 300 -33.69 6.56 6.12
N GLN A 301 -32.39 6.74 6.24
CA GLN A 301 -31.84 7.27 7.47
C GLN A 301 -32.30 8.70 7.72
N LYS A 302 -32.29 9.53 6.67
CA LYS A 302 -32.77 10.89 6.78
C LYS A 302 -34.21 10.89 7.31
N HIS A 303 -35.06 10.04 6.75
CA HIS A 303 -36.45 9.96 7.19
C HIS A 303 -36.59 9.53 8.66
N MET A 304 -35.86 8.50 9.07
CA MET A 304 -35.92 8.09 10.46
C MET A 304 -35.46 9.25 11.33
N ASP A 305 -34.38 9.89 10.90
CA ASP A 305 -33.75 10.95 11.69
C ASP A 305 -34.68 12.14 11.90
N ASP A 306 -35.34 12.56 10.82
CA ASP A 306 -36.29 13.66 10.89
C ASP A 306 -37.52 13.28 11.70
N ILE A 307 -37.92 12.02 11.61
CA ILE A 307 -39.00 11.51 12.43
C ILE A 307 -38.63 11.60 13.92
N ILE A 308 -37.43 11.14 14.25
CA ILE A 308 -36.94 11.19 15.62
C ILE A 308 -36.81 12.61 16.13
N SER A 309 -36.23 13.50 15.32
CA SER A 309 -35.93 14.84 15.77
C SER A 309 -37.15 15.73 15.91
N GLY A 310 -38.26 15.34 15.30
CA GLY A 310 -39.45 16.17 15.35
C GLY A 310 -39.50 17.10 14.14
N GLU A 311 -38.44 17.03 13.34
CA GLU A 311 -38.37 17.83 12.12
C GLU A 311 -39.45 17.37 11.14
N PHE A 312 -39.72 16.06 11.07
CA PHE A 312 -40.78 15.63 10.17
C PHE A 312 -42.14 16.22 10.51
N SER A 313 -42.57 16.04 11.76
CA SER A 313 -43.91 16.42 12.14
C SER A 313 -44.07 17.94 12.20
N SER A 314 -43.01 18.62 12.62
CA SER A 314 -42.97 20.07 12.66
C SER A 314 -43.15 20.68 11.26
N GLY A 315 -42.43 20.13 10.29
CA GLY A 315 -42.54 20.56 8.91
C GLY A 315 -43.92 20.30 8.33
N MET A 316 -44.49 19.14 8.65
CA MET A 316 -45.80 18.79 8.14
C MET A 316 -46.87 19.67 8.76
N MET A 317 -46.79 19.90 10.05
CA MET A 317 -47.79 20.71 10.71
C MET A 317 -47.73 22.19 10.26
N ALA A 318 -46.56 22.60 9.77
CA ALA A 318 -46.47 23.91 9.14
C ALA A 318 -47.28 23.92 7.84
N ASP A 319 -47.25 22.81 7.10
CA ASP A 319 -48.12 22.68 5.93
C ASP A 319 -49.58 22.68 6.35
N TRP A 320 -49.92 21.98 7.44
CA TRP A 320 -51.31 21.97 7.93
C TRP A 320 -51.82 23.38 8.12
N ALA A 321 -50.98 24.25 8.68
CA ALA A 321 -51.37 25.58 9.06
C ALA A 321 -51.38 26.49 7.83
N ASN A 322 -50.77 26.02 6.76
CA ASN A 322 -50.77 26.76 5.50
C ASN A 322 -51.74 26.09 4.52
N ASP A 323 -52.87 25.62 5.05
CA ASP A 323 -53.90 24.96 4.25
C ASP A 323 -53.41 23.81 3.38
N ASP A 324 -52.51 22.99 3.90
CA ASP A 324 -52.11 21.77 3.20
C ASP A 324 -51.65 22.04 1.77
N LYS A 325 -51.04 23.20 1.55
CA LYS A 325 -50.62 23.62 0.22
C LYS A 325 -49.70 22.59 -0.43
N LYS A 326 -48.70 22.13 0.31
CA LYS A 326 -47.75 21.18 -0.26
C LYS A 326 -48.39 19.83 -0.51
N LEU A 327 -49.20 19.38 0.43
CA LEU A 327 -49.93 18.10 0.28
C LEU A 327 -50.72 18.11 -1.03
N LEU A 328 -51.53 19.16 -1.20
CA LEU A 328 -52.46 19.25 -2.32
C LEU A 328 -51.71 19.30 -3.63
N THR A 329 -50.63 20.09 -3.66
CA THR A 329 -49.76 20.18 -4.83
C THR A 329 -49.19 18.81 -5.23
N TRP A 330 -48.65 18.09 -4.26
CA TRP A 330 -48.05 16.77 -4.56
C TRP A 330 -49.12 15.78 -4.97
N ARG A 331 -50.31 15.90 -4.35
CA ARG A 331 -51.42 15.00 -4.65
C ARG A 331 -51.88 15.21 -6.10
N GLU A 332 -51.89 16.47 -6.52
CA GLU A 332 -52.29 16.84 -7.87
C GLU A 332 -51.26 16.31 -8.86
N GLU A 333 -50.00 16.60 -8.62
CA GLU A 333 -48.95 16.05 -9.48
C GLU A 333 -49.06 14.54 -9.56
N THR A 334 -49.35 13.89 -8.44
CA THR A 334 -49.46 12.43 -8.43
C THR A 334 -50.56 11.96 -9.38
N GLY A 335 -51.70 12.65 -9.33
CA GLY A 335 -52.84 12.32 -10.16
C GLY A 335 -52.63 12.59 -11.64
N LYS A 336 -51.57 13.33 -11.98
CA LYS A 336 -51.27 13.56 -13.38
C LYS A 336 -50.20 12.63 -13.96
N THR A 337 -49.59 11.77 -13.13
CA THR A 337 -48.55 10.87 -13.65
C THR A 337 -49.11 9.90 -14.68
N ALA A 338 -48.21 9.40 -15.54
CA ALA A 338 -48.60 8.47 -16.59
C ALA A 338 -49.27 7.23 -16.00
N PHE A 339 -48.67 6.66 -14.96
CA PHE A 339 -49.28 5.49 -14.33
C PHE A 339 -50.70 5.75 -13.83
N GLU A 340 -50.91 6.88 -13.17
CA GLU A 340 -52.23 7.18 -12.63
C GLU A 340 -53.30 7.33 -13.73
N THR A 341 -52.87 7.77 -14.91
CA THR A 341 -53.83 8.02 -16.01
C THR A 341 -53.82 6.96 -17.10
N ALA A 342 -52.89 6.03 -17.01
CA ALA A 342 -52.77 4.99 -18.02
C ALA A 342 -54.07 4.18 -18.13
N PRO A 343 -54.37 3.70 -19.35
CA PRO A 343 -55.50 2.77 -19.54
C PRO A 343 -55.10 1.42 -18.97
N GLN A 344 -56.09 0.57 -18.63
CA GLN A 344 -55.76 -0.73 -18.07
C GLN A 344 -55.97 -1.89 -19.03
N TYR A 345 -54.94 -2.72 -19.19
CA TYR A 345 -55.02 -3.92 -20.00
C TYR A 345 -56.24 -4.77 -19.63
N GLU A 346 -56.82 -5.43 -20.63
CA GLU A 346 -58.10 -6.10 -20.48
C GLU A 346 -57.95 -7.60 -20.28
N GLY A 347 -56.96 -8.17 -20.95
CA GLY A 347 -56.71 -9.60 -20.86
C GLY A 347 -56.21 -10.06 -19.50
N LYS A 348 -55.95 -11.36 -19.38
CA LYS A 348 -55.50 -11.97 -18.14
C LYS A 348 -53.98 -11.87 -17.93
N ILE A 349 -53.59 -11.68 -16.68
CA ILE A 349 -52.20 -11.84 -16.27
C ILE A 349 -52.17 -12.89 -15.18
N GLY A 350 -51.45 -13.98 -15.42
CA GLY A 350 -51.44 -15.12 -14.51
C GLY A 350 -50.67 -14.80 -13.23
N GLU A 351 -51.01 -15.48 -12.15
CA GLU A 351 -50.37 -15.19 -10.88
C GLU A 351 -48.85 -15.25 -10.94
N GLN A 352 -48.30 -16.33 -11.48
CA GLN A 352 -46.85 -16.50 -11.54
C GLN A 352 -46.20 -15.41 -12.38
N GLU A 353 -46.96 -14.91 -13.36
CA GLU A 353 -46.48 -13.84 -14.22
C GLU A 353 -46.13 -12.58 -13.47
N TYR A 354 -46.94 -12.23 -12.46
CA TYR A 354 -46.60 -11.07 -11.64
C TYR A 354 -45.26 -11.26 -10.94
N PHE A 355 -45.01 -12.48 -10.44
CA PHE A 355 -43.71 -12.74 -9.84
C PHE A 355 -42.60 -12.65 -10.90
N ASP A 356 -42.77 -13.39 -12.00
CA ASP A 356 -41.68 -13.54 -12.97
C ASP A 356 -41.37 -12.26 -13.72
N LYS A 357 -42.40 -11.47 -14.00
CA LYS A 357 -42.21 -10.19 -14.69
C LYS A 357 -41.92 -9.06 -13.72
N GLY A 358 -41.94 -9.36 -12.42
CA GLY A 358 -41.75 -8.34 -11.40
C GLY A 358 -40.55 -8.56 -10.50
N VAL A 359 -39.46 -9.04 -11.09
CA VAL A 359 -38.23 -9.26 -10.33
C VAL A 359 -37.81 -8.00 -9.57
N LEU A 360 -37.79 -6.86 -10.26
CA LEU A 360 -37.43 -5.60 -9.62
C LEU A 360 -38.44 -5.17 -8.54
N MET A 361 -39.70 -5.50 -8.74
CA MET A 361 -40.72 -5.17 -7.74
C MET A 361 -40.47 -5.94 -6.46
N ILE A 362 -40.15 -7.22 -6.61
CA ILE A 362 -39.81 -8.05 -5.48
C ILE A 362 -38.57 -7.50 -4.77
N ALA A 363 -37.56 -7.09 -5.54
CA ALA A 363 -36.33 -6.56 -4.94
C ALA A 363 -36.58 -5.24 -4.20
N MET A 364 -37.51 -4.44 -4.71
CA MET A 364 -37.87 -3.18 -4.07
C MET A 364 -38.59 -3.41 -2.76
N VAL A 365 -39.49 -4.40 -2.73
CA VAL A 365 -40.14 -4.81 -1.50
C VAL A 365 -39.12 -5.27 -0.44
N LYS A 366 -38.24 -6.19 -0.83
CA LYS A 366 -37.21 -6.70 0.07
C LYS A 366 -36.31 -5.57 0.58
N ALA A 367 -35.80 -4.75 -0.33
CA ALA A 367 -34.87 -3.70 0.06
C ALA A 367 -35.53 -2.67 0.97
N GLY A 368 -36.72 -2.24 0.61
CA GLY A 368 -37.42 -1.22 1.36
C GLY A 368 -37.83 -1.71 2.74
N VAL A 369 -38.38 -2.91 2.79
CA VAL A 369 -38.82 -3.45 4.07
C VAL A 369 -37.62 -3.73 5.00
N GLU A 370 -36.52 -4.27 4.47
CA GLU A 370 -35.34 -4.51 5.30
C GLU A 370 -34.71 -3.20 5.76
N LEU A 371 -34.64 -2.23 4.86
CA LEU A 371 -34.03 -0.95 5.20
C LEU A 371 -34.88 -0.22 6.26
N ALA A 372 -36.22 -0.27 6.12
CA ALA A 372 -37.05 0.41 7.09
C ALA A 372 -36.85 -0.23 8.47
N PHE A 373 -36.89 -1.56 8.48
CA PHE A 373 -36.68 -2.35 9.69
C PHE A 373 -35.32 -2.06 10.34
N GLU A 374 -34.24 -2.17 9.57
CA GLU A 374 -32.91 -1.93 10.09
C GLU A 374 -32.75 -0.53 10.67
N THR A 375 -33.33 0.47 9.99
CA THR A 375 -33.13 1.85 10.36
C THR A 375 -33.89 2.16 11.66
N MET A 376 -35.04 1.53 11.80
CA MET A 376 -35.82 1.65 13.02
C MET A 376 -35.07 1.00 14.18
N VAL A 377 -34.56 -0.21 13.97
CA VAL A 377 -33.86 -0.93 15.02
C VAL A 377 -32.61 -0.16 15.42
N ASP A 378 -31.95 0.44 14.44
CA ASP A 378 -30.78 1.27 14.72
C ASP A 378 -31.13 2.53 15.53
N SER A 379 -32.41 2.87 15.58
CA SER A 379 -32.81 4.08 16.30
C SER A 379 -33.50 3.80 17.65
N GLY A 380 -33.32 2.59 18.17
CA GLY A 380 -33.80 2.30 19.52
C GLY A 380 -35.13 1.58 19.55
N ILE A 381 -35.71 1.37 18.37
CA ILE A 381 -37.01 0.70 18.28
C ILE A 381 -36.79 -0.80 18.31
N ILE A 382 -37.67 -1.52 18.99
CA ILE A 382 -37.53 -2.97 19.11
C ILE A 382 -38.00 -3.70 17.86
N GLU A 383 -37.39 -4.86 17.60
N GLU A 383 -37.41 -4.86 17.62
CA GLU A 383 -37.71 -5.66 16.42
CA GLU A 383 -37.69 -5.66 16.42
C GLU A 383 -39.22 -5.82 16.22
C GLU A 383 -39.18 -5.95 16.19
N GLU A 384 -39.91 -6.31 17.25
CA GLU A 384 -41.33 -6.56 17.13
C GLU A 384 -42.09 -5.31 16.64
N SER A 385 -41.78 -4.15 17.22
CA SER A 385 -42.39 -2.90 16.78
C SER A 385 -42.10 -2.64 15.30
N ALA A 386 -40.85 -2.83 14.91
CA ALA A 386 -40.42 -2.50 13.55
C ALA A 386 -41.13 -3.39 12.57
N TYR A 387 -41.28 -4.65 12.96
CA TYR A 387 -41.96 -5.64 12.14
C TYR A 387 -43.43 -5.25 11.90
N TYR A 388 -44.14 -4.89 12.97
CA TYR A 388 -45.58 -4.63 12.85
C TYR A 388 -45.91 -3.35 12.08
N GLU A 389 -44.95 -2.44 11.99
CA GLU A 389 -45.17 -1.19 11.29
C GLU A 389 -44.52 -1.24 9.90
N SER A 390 -44.00 -2.39 9.52
CA SER A 390 -43.47 -2.52 8.16
C SER A 390 -44.05 -3.73 7.41
N LEU A 391 -43.36 -4.87 7.50
CA LEU A 391 -43.75 -6.05 6.73
C LEU A 391 -45.21 -6.42 6.98
N HIS A 392 -45.62 -6.38 8.24
CA HIS A 392 -46.94 -6.81 8.61
C HIS A 392 -48.04 -6.05 7.86
N GLU A 393 -47.86 -4.75 7.68
CA GLU A 393 -48.89 -3.90 7.09
C GLU A 393 -48.80 -3.82 5.56
N LEU A 394 -47.72 -4.34 4.99
CA LEU A 394 -47.51 -4.18 3.54
C LEU A 394 -48.65 -4.71 2.66
N PRO A 395 -49.13 -5.94 2.93
CA PRO A 395 -50.19 -6.53 2.08
C PRO A 395 -51.46 -5.69 1.99
N LEU A 396 -51.88 -5.10 3.10
CA LEU A 396 -53.08 -4.27 3.11
C LEU A 396 -52.91 -3.04 2.20
N ILE A 397 -51.75 -2.38 2.29
CA ILE A 397 -51.51 -1.22 1.45
C ILE A 397 -51.39 -1.62 -0.03
N ALA A 398 -50.74 -2.75 -0.30
CA ALA A 398 -50.73 -3.31 -1.66
C ALA A 398 -52.16 -3.53 -2.20
N ASN A 399 -53.07 -3.93 -1.31
N ASN A 399 -53.07 -3.90 -1.32
CA ASN A 399 -54.45 -4.16 -1.70
CA ASN A 399 -54.45 -4.15 -1.72
C ASN A 399 -55.12 -2.89 -2.21
C ASN A 399 -55.15 -2.89 -2.20
N THR A 400 -54.89 -1.77 -1.54
CA THR A 400 -55.51 -0.51 -1.90
C THR A 400 -55.07 -0.10 -3.30
N ILE A 401 -53.78 -0.24 -3.58
CA ILE A 401 -53.29 0.09 -4.91
C ILE A 401 -53.98 -0.77 -5.97
N ALA A 402 -54.16 -2.05 -5.64
CA ALA A 402 -54.83 -2.98 -6.53
C ALA A 402 -56.25 -2.50 -6.80
N ARG A 403 -56.93 -2.05 -5.77
N ARG A 403 -56.94 -2.02 -5.78
CA ARG A 403 -58.31 -1.57 -5.91
CA ARG A 403 -58.32 -1.59 -5.93
C ARG A 403 -58.38 -0.37 -6.85
C ARG A 403 -58.49 -0.32 -6.77
N LYS A 404 -57.71 0.73 -6.48
CA LYS A 404 -57.76 1.93 -7.31
C LYS A 404 -56.48 2.77 -7.36
N ARG A 405 -55.35 2.11 -7.51
CA ARG A 405 -54.10 2.77 -7.81
C ARG A 405 -53.62 3.71 -6.71
N LEU A 406 -52.72 4.62 -7.07
CA LEU A 406 -52.10 5.49 -6.08
C LEU A 406 -53.16 6.41 -5.50
N TYR A 407 -54.15 6.75 -6.33
CA TYR A 407 -55.26 7.58 -5.85
C TYR A 407 -55.94 6.95 -4.64
N GLU A 408 -56.16 5.64 -4.71
CA GLU A 408 -56.89 4.94 -3.66
C GLU A 408 -56.04 4.87 -2.41
N MET A 409 -54.75 4.63 -2.60
CA MET A 409 -53.85 4.55 -1.47
C MET A 409 -53.87 5.88 -0.74
N ASN A 410 -53.69 6.97 -1.47
CA ASN A 410 -53.53 8.28 -0.86
C ASN A 410 -54.77 8.91 -0.22
N VAL A 411 -55.95 8.37 -0.55
CA VAL A 411 -57.19 8.81 0.09
C VAL A 411 -57.57 7.90 1.27
N VAL A 412 -57.18 6.62 1.17
CA VAL A 412 -57.40 5.67 2.25
C VAL A 412 -56.54 5.97 3.49
N ILE A 413 -55.30 6.41 3.27
CA ILE A 413 -54.37 6.64 4.37
C ILE A 413 -54.56 8.06 4.92
N SER A 414 -54.04 8.28 6.12
CA SER A 414 -54.18 9.57 6.79
C SER A 414 -53.37 10.64 6.04
N ASP A 415 -53.69 11.90 6.31
CA ASP A 415 -52.94 13.00 5.69
C ASP A 415 -51.48 12.92 6.11
N THR A 416 -51.25 12.38 7.31
CA THR A 416 -49.90 12.26 7.82
C THR A 416 -49.11 11.25 6.99
N ALA A 417 -49.73 10.11 6.70
CA ALA A 417 -49.12 9.10 5.83
C ALA A 417 -48.92 9.61 4.39
N GLU A 418 -49.93 10.32 3.88
CA GLU A 418 -49.88 10.83 2.51
C GLU A 418 -48.76 11.84 2.33
N TYR A 419 -48.70 12.79 3.25
CA TYR A 419 -47.64 13.79 3.24
C TYR A 419 -46.29 13.11 3.36
N GLY A 420 -46.21 12.14 4.29
CA GLY A 420 -45.00 11.38 4.50
C GLY A 420 -44.60 10.69 3.21
N ASN A 421 -45.56 10.07 2.56
CA ASN A 421 -45.32 9.40 1.29
C ASN A 421 -44.68 10.33 0.23
N TYR A 422 -45.33 11.46 -0.03
CA TYR A 422 -44.84 12.39 -1.05
C TYR A 422 -43.41 12.86 -0.75
N LEU A 423 -43.16 13.20 0.51
CA LEU A 423 -41.84 13.65 0.94
C LEU A 423 -40.78 12.63 0.53
N PHE A 424 -41.10 11.35 0.69
CA PHE A 424 -40.16 10.29 0.36
C PHE A 424 -40.13 10.04 -1.15
N SER A 425 -41.31 9.78 -1.72
CA SER A 425 -41.48 9.50 -3.14
C SER A 425 -40.74 10.49 -4.03
N TYR A 426 -40.98 11.78 -3.81
CA TYR A 426 -40.37 12.81 -4.66
C TYR A 426 -38.86 12.93 -4.51
N ALA A 427 -38.30 12.32 -3.46
CA ALA A 427 -36.86 12.20 -3.35
C ALA A 427 -36.37 10.89 -3.98
N CYS A 428 -37.13 9.83 -3.78
CA CYS A 428 -36.71 8.50 -4.17
C CYS A 428 -36.74 8.27 -5.68
N VAL A 429 -37.72 8.86 -6.37
CA VAL A 429 -37.81 8.73 -7.82
C VAL A 429 -36.55 9.28 -8.54
N PRO A 430 -36.21 10.56 -8.34
CA PRO A 430 -34.94 11.08 -8.87
C PRO A 430 -33.74 10.25 -8.46
N LEU A 431 -33.68 9.88 -7.19
CA LEU A 431 -32.57 9.09 -6.65
C LEU A 431 -32.28 7.82 -7.45
N LEU A 432 -33.32 7.12 -7.87
CA LEU A 432 -33.15 5.83 -8.53
C LEU A 432 -33.03 5.93 -10.06
N LYS A 433 -32.95 7.14 -10.59
CA LYS A 433 -32.92 7.29 -12.04
C LYS A 433 -31.72 6.58 -12.72
N PRO A 434 -30.50 6.84 -12.22
CA PRO A 434 -29.32 6.16 -12.79
C PRO A 434 -29.47 4.65 -12.68
N PHE A 435 -29.93 4.20 -11.53
CA PHE A 435 -30.18 2.78 -11.30
C PHE A 435 -31.16 2.18 -12.32
N MET A 436 -32.28 2.86 -12.56
CA MET A 436 -33.26 2.37 -13.52
C MET A 436 -32.67 2.32 -14.93
N ALA A 437 -31.80 3.28 -15.22
CA ALA A 437 -31.19 3.37 -16.53
C ALA A 437 -30.33 2.14 -16.87
N GLU A 438 -29.77 1.48 -15.85
CA GLU A 438 -28.87 0.33 -16.06
C GLU A 438 -29.50 -1.05 -15.84
N LEU A 439 -30.83 -1.14 -15.75
CA LEU A 439 -31.47 -2.44 -15.62
C LEU A 439 -31.13 -3.38 -16.77
N GLN A 440 -31.18 -4.69 -16.49
CA GLN A 440 -30.87 -5.72 -17.47
C GLN A 440 -32.13 -6.47 -17.84
N PRO A 441 -32.15 -7.07 -19.02
CA PRO A 441 -33.28 -7.92 -19.47
C PRO A 441 -33.62 -8.97 -18.41
N GLY A 442 -34.90 -9.10 -18.07
CA GLY A 442 -35.30 -10.00 -17.02
C GLY A 442 -35.57 -9.28 -15.70
N ASP A 443 -34.92 -8.14 -15.50
CA ASP A 443 -35.12 -7.37 -14.28
C ASP A 443 -36.59 -6.94 -14.10
N LEU A 444 -37.27 -6.64 -15.21
CA LEU A 444 -38.63 -6.09 -15.14
C LEU A 444 -39.37 -6.27 -16.46
N GLY A 445 -40.53 -6.93 -16.41
CA GLY A 445 -41.37 -7.08 -17.58
C GLY A 445 -41.15 -8.36 -18.38
N LYS A 446 -40.17 -9.16 -17.99
CA LYS A 446 -39.84 -10.38 -18.73
C LYS A 446 -39.26 -11.41 -17.78
N ALA A 447 -39.68 -12.66 -17.90
CA ALA A 447 -39.21 -13.69 -16.97
C ALA A 447 -37.72 -13.97 -17.15
N ILE A 448 -37.05 -14.27 -16.04
CA ILE A 448 -35.69 -14.77 -16.11
C ILE A 448 -35.84 -16.28 -16.16
N PRO A 449 -35.28 -16.90 -17.22
CA PRO A 449 -35.40 -18.34 -17.46
C PRO A 449 -34.93 -19.15 -16.26
N GLU A 450 -35.79 -20.00 -15.72
CA GLU A 450 -35.38 -20.99 -14.71
C GLU A 450 -34.22 -21.83 -15.26
N GLY A 451 -33.48 -22.49 -14.38
CA GLY A 451 -32.34 -23.26 -14.82
C GLY A 451 -31.32 -23.50 -13.72
N ALA A 452 -30.12 -23.90 -14.12
CA ALA A 452 -29.06 -24.24 -13.17
C ALA A 452 -28.47 -22.98 -12.54
N VAL A 453 -28.07 -23.10 -11.28
CA VAL A 453 -27.31 -22.06 -10.59
C VAL A 453 -26.23 -22.74 -9.76
N ASP A 454 -25.20 -22.00 -9.41
CA ASP A 454 -24.15 -22.53 -8.55
C ASP A 454 -24.72 -22.93 -7.19
N ASN A 455 -24.44 -24.17 -6.76
CA ASN A 455 -24.96 -24.69 -5.49
C ASN A 455 -24.65 -23.79 -4.30
N GLY A 456 -23.38 -23.43 -4.17
CA GLY A 456 -22.92 -22.59 -3.07
C GLY A 456 -23.62 -21.24 -2.99
N GLN A 457 -23.70 -20.55 -4.13
N GLN A 457 -23.70 -20.54 -4.12
CA GLN A 457 -24.35 -19.25 -4.18
CA GLN A 457 -24.35 -19.23 -4.12
C GLN A 457 -25.82 -19.34 -3.79
C GLN A 457 -25.83 -19.34 -3.76
N LEU A 458 -26.50 -20.36 -4.28
CA LEU A 458 -27.91 -20.57 -3.97
C LEU A 458 -28.09 -20.76 -2.47
N ARG A 459 -27.30 -21.69 -1.92
CA ARG A 459 -27.30 -21.89 -0.48
C ARG A 459 -27.09 -20.56 0.26
N ASP A 460 -26.08 -19.79 -0.15
CA ASP A 460 -25.73 -18.58 0.57
C ASP A 460 -26.85 -17.54 0.50
N VAL A 461 -27.42 -17.36 -0.68
CA VAL A 461 -28.55 -16.46 -0.83
C VAL A 461 -29.77 -16.89 0.01
N ASN A 462 -30.13 -18.16 -0.06
CA ASN A 462 -31.25 -18.64 0.76
C ASN A 462 -31.03 -18.38 2.24
N GLU A 463 -29.80 -18.61 2.70
N GLU A 463 -29.79 -18.59 2.68
CA GLU A 463 -29.47 -18.39 4.12
CA GLU A 463 -29.45 -18.43 4.08
C GLU A 463 -29.49 -16.91 4.47
C GLU A 463 -29.48 -16.94 4.46
N ALA A 464 -28.98 -16.09 3.57
CA ALA A 464 -28.94 -14.63 3.79
C ALA A 464 -30.35 -14.03 3.89
N ILE A 465 -31.27 -14.53 3.09
CA ILE A 465 -32.66 -14.10 3.13
C ILE A 465 -33.33 -14.51 4.45
N ARG A 466 -33.32 -15.80 4.74
CA ARG A 466 -34.10 -16.28 5.87
C ARG A 466 -33.46 -15.96 7.21
N SER A 467 -32.19 -15.58 7.20
CA SER A 467 -31.53 -15.23 8.45
C SER A 467 -31.61 -13.72 8.75
N HIS A 468 -32.19 -12.95 7.85
CA HIS A 468 -32.36 -11.54 8.16
C HIS A 468 -33.21 -11.38 9.42
N ALA A 469 -32.84 -10.44 10.26
CA ALA A 469 -33.54 -10.27 11.53
C ALA A 469 -35.06 -10.10 11.32
N ILE A 470 -35.48 -9.51 10.21
CA ILE A 470 -36.93 -9.31 10.05
C ILE A 470 -37.61 -10.63 9.72
N GLU A 471 -36.87 -11.53 9.10
CA GLU A 471 -37.43 -12.84 8.80
C GLU A 471 -37.52 -13.70 10.07
N GLN A 472 -36.56 -13.52 10.98
CA GLN A 472 -36.62 -14.26 12.25
C GLN A 472 -37.77 -13.81 13.15
N VAL A 473 -37.90 -12.51 13.44
CA VAL A 473 -39.03 -12.09 14.27
C VAL A 473 -40.34 -12.37 13.56
N GLY A 474 -40.34 -12.22 12.24
CA GLY A 474 -41.53 -12.43 11.44
C GLY A 474 -42.05 -13.85 11.58
N LYS A 475 -41.13 -14.80 11.42
CA LYS A 475 -41.47 -16.20 11.49
C LYS A 475 -42.00 -16.51 12.89
N LYS A 476 -41.32 -15.97 13.89
CA LYS A 476 -41.77 -16.12 15.28
C LYS A 476 -43.15 -15.51 15.56
N LEU A 477 -43.36 -14.25 15.16
CA LEU A 477 -44.64 -13.59 15.48
C LEU A 477 -45.80 -14.20 14.71
N ARG A 478 -45.59 -14.49 13.43
CA ARG A 478 -46.61 -15.18 12.65
C ARG A 478 -46.92 -16.55 13.26
N GLY A 479 -45.91 -17.14 13.89
CA GLY A 479 -46.10 -18.41 14.59
C GLY A 479 -47.00 -18.26 15.81
N TYR A 480 -46.75 -17.23 16.62
CA TYR A 480 -47.61 -16.91 17.75
C TYR A 480 -49.04 -16.74 17.24
N MET A 481 -49.22 -15.82 16.31
CA MET A 481 -50.55 -15.44 15.84
C MET A 481 -51.32 -16.62 15.25
N THR A 482 -50.63 -17.44 14.47
CA THR A 482 -51.23 -18.65 13.92
C THR A 482 -51.68 -19.56 15.03
N ASP A 483 -50.85 -19.70 16.06
CA ASP A 483 -51.20 -20.51 17.23
C ASP A 483 -52.46 -19.99 17.92
N MET A 484 -52.49 -18.67 18.15
CA MET A 484 -53.65 -18.03 18.76
C MET A 484 -54.89 -18.28 17.93
N LYS A 485 -54.79 -18.10 16.62
CA LYS A 485 -55.94 -18.27 15.73
C LYS A 485 -56.48 -19.69 15.83
N ARG A 486 -55.59 -20.66 15.84
CA ARG A 486 -55.95 -22.07 15.93
C ARG A 486 -56.73 -22.34 17.21
N ILE A 487 -56.26 -21.79 18.34
CA ILE A 487 -56.93 -21.96 19.62
C ILE A 487 -58.38 -21.47 19.57
N ALA A 488 -58.57 -20.28 18.99
CA ALA A 488 -59.91 -19.71 18.86
C ALA A 488 -60.74 -20.52 17.87
N VAL A 489 -60.11 -21.52 17.26
CA VAL A 489 -60.74 -22.39 16.26
C VAL A 489 -61.43 -21.59 15.16
N MET B 1 51.57 22.31 3.90
CA MET B 1 51.89 20.97 4.41
C MET B 1 53.09 20.35 3.67
N ALA B 2 54.11 19.95 4.42
CA ALA B 2 55.35 19.45 3.84
C ALA B 2 55.33 17.92 3.61
N ASN B 3 56.05 17.49 2.59
CA ASN B 3 56.25 16.08 2.29
C ASN B 3 56.64 15.28 3.55
N TYR B 4 55.85 14.27 3.91
CA TYR B 4 56.08 13.57 5.17
C TYR B 4 57.39 12.74 5.16
N PHE B 5 57.67 12.07 4.06
CA PHE B 5 58.88 11.28 3.94
C PHE B 5 60.13 12.14 4.22
N ASN B 6 60.11 13.37 3.70
CA ASN B 6 61.24 14.27 3.84
C ASN B 6 61.47 14.78 5.27
N THR B 7 60.49 14.64 6.15
CA THR B 7 60.69 15.05 7.56
C THR B 7 61.44 13.98 8.35
N LEU B 8 61.69 12.83 7.72
CA LEU B 8 62.34 11.71 8.39
C LEU B 8 63.84 11.65 8.08
N ASN B 9 64.64 11.20 9.03
CA ASN B 9 66.05 10.95 8.75
C ASN B 9 66.24 9.57 8.10
N LEU B 10 67.48 9.25 7.73
CA LEU B 10 67.73 8.02 6.97
C LEU B 10 67.23 6.78 7.71
N ARG B 11 67.57 6.66 8.98
CA ARG B 11 67.16 5.51 9.77
C ARG B 11 65.64 5.38 9.75
N GLN B 12 64.94 6.50 9.94
CA GLN B 12 63.48 6.50 9.98
C GLN B 12 62.89 6.15 8.62
N GLN B 13 63.51 6.66 7.56
CA GLN B 13 63.06 6.36 6.20
C GLN B 13 63.18 4.85 5.94
N LEU B 14 64.34 4.30 6.25
CA LEU B 14 64.61 2.88 6.05
C LEU B 14 63.63 1.97 6.79
N ALA B 15 63.34 2.30 8.04
CA ALA B 15 62.38 1.52 8.81
C ALA B 15 61.05 1.40 8.07
N GLN B 16 60.62 2.47 7.40
CA GLN B 16 59.37 2.47 6.65
C GLN B 16 59.51 1.80 5.29
N LEU B 17 60.52 2.21 4.53
CA LEU B 17 60.73 1.70 3.18
C LEU B 17 60.83 0.18 3.16
N GLY B 18 61.39 -0.38 4.23
CA GLY B 18 61.66 -1.81 4.28
C GLY B 18 60.60 -2.63 5.01
N LYS B 19 59.45 -2.03 5.28
CA LYS B 19 58.35 -2.77 5.88
C LYS B 19 57.56 -3.57 4.86
N ARG B 21 55.99 -7.79 5.12
CA ARG B 21 56.06 -9.07 5.79
C ARG B 21 54.83 -9.87 5.41
N PHE B 22 55.04 -10.93 4.64
CA PHE B 22 53.92 -11.79 4.31
C PHE B 22 53.38 -12.36 5.62
N MET B 23 52.08 -12.18 5.88
CA MET B 23 51.52 -12.52 7.20
C MET B 23 51.02 -13.96 7.27
N GLY B 24 51.16 -14.58 8.44
CA GLY B 24 50.66 -15.93 8.64
C GLY B 24 49.13 -15.97 8.66
N ARG B 25 48.58 -17.09 8.22
CA ARG B 25 47.13 -17.29 8.26
C ARG B 25 46.59 -17.06 9.68
N ASP B 26 47.35 -17.47 10.68
CA ASP B 26 46.84 -17.48 12.04
C ASP B 26 46.73 -16.08 12.64
N GLU B 27 47.40 -15.13 12.01
CA GLU B 27 47.28 -13.75 12.46
C GLU B 27 45.86 -13.24 12.18
N PHE B 28 45.09 -13.96 11.38
CA PHE B 28 43.72 -13.55 11.08
C PHE B 28 42.65 -14.43 11.73
N ALA B 29 42.99 -15.07 12.84
CA ALA B 29 42.05 -15.96 13.53
C ALA B 29 40.75 -15.22 13.92
N ASP B 30 40.88 -13.94 14.21
N ASP B 30 40.86 -13.94 14.22
CA ASP B 30 39.74 -13.12 14.64
CA ASP B 30 39.70 -13.15 14.64
C ASP B 30 38.89 -12.67 13.45
C ASP B 30 38.88 -12.67 13.45
N GLY B 31 39.41 -12.82 12.24
CA GLY B 31 38.69 -12.39 11.06
C GLY B 31 38.33 -10.92 11.14
N ALA B 32 37.10 -10.58 10.79
CA ALA B 32 36.65 -9.19 10.81
C ALA B 32 36.04 -8.77 12.14
N SER B 33 36.15 -9.61 13.17
CA SER B 33 35.37 -9.39 14.40
C SER B 33 35.67 -8.07 15.13
N TYR B 34 36.86 -7.51 14.95
CA TYR B 34 37.19 -6.28 15.66
C TYR B 34 36.34 -5.11 15.22
N LEU B 35 35.69 -5.26 14.08
CA LEU B 35 34.87 -4.19 13.49
C LEU B 35 33.37 -4.48 13.61
N GLN B 36 33.03 -5.66 14.08
N GLN B 36 33.02 -5.66 14.09
CA GLN B 36 31.64 -6.03 14.31
CA GLN B 36 31.63 -6.03 14.24
C GLN B 36 31.02 -5.07 15.31
C GLN B 36 30.97 -5.21 15.35
N GLY B 37 29.78 -4.69 15.07
CA GLY B 37 29.08 -3.80 15.98
C GLY B 37 29.53 -2.36 15.87
N LYS B 38 30.48 -2.10 14.97
CA LYS B 38 30.98 -0.75 14.78
C LYS B 38 30.39 -0.13 13.52
N LYS B 39 30.47 1.20 13.41
CA LYS B 39 29.92 1.86 12.24
C LYS B 39 31.00 2.19 11.20
N VAL B 40 30.91 1.51 10.07
CA VAL B 40 31.86 1.75 8.99
C VAL B 40 31.15 2.57 7.92
N VAL B 41 31.79 3.66 7.52
CA VAL B 41 31.24 4.58 6.54
C VAL B 41 32.26 4.78 5.41
N ILE B 42 31.85 4.47 4.19
CA ILE B 42 32.74 4.61 3.06
C ILE B 42 32.38 5.91 2.35
N VAL B 43 33.39 6.71 2.05
CA VAL B 43 33.17 7.94 1.31
C VAL B 43 33.41 7.68 -0.17
N GLY B 44 32.41 7.97 -0.98
CA GLY B 44 32.49 7.72 -2.41
C GLY B 44 32.25 6.28 -2.79
N CYS B 45 31.21 6.05 -3.59
CA CYS B 45 30.86 4.70 -3.98
C CYS B 45 31.30 4.43 -5.42
N GLY B 46 32.60 4.21 -5.59
CA GLY B 46 33.16 3.93 -6.89
C GLY B 46 33.62 2.49 -6.98
N ALA B 47 34.60 2.25 -7.85
CA ALA B 47 35.06 0.88 -8.12
C ALA B 47 35.49 0.14 -6.86
N GLN B 48 36.47 0.69 -6.13
CA GLN B 48 36.85 0.08 -4.86
C GLN B 48 35.76 0.15 -3.81
N GLY B 49 35.13 1.32 -3.66
CA GLY B 49 34.14 1.55 -2.61
C GLY B 49 32.97 0.58 -2.61
N LEU B 50 32.34 0.42 -3.76
CA LEU B 50 31.20 -0.48 -3.87
C LEU B 50 31.64 -1.91 -3.60
N ASN B 51 32.73 -2.33 -4.23
CA ASN B 51 33.15 -3.71 -4.13
C ASN B 51 33.73 -4.13 -2.78
N GLN B 52 34.47 -3.24 -2.15
CA GLN B 52 34.96 -3.53 -0.79
C GLN B 52 33.78 -3.56 0.14
N GLY B 53 32.83 -2.66 -0.09
CA GLY B 53 31.63 -2.57 0.72
C GLY B 53 30.79 -3.83 0.63
N LEU B 54 30.64 -4.36 -0.57
CA LEU B 54 29.88 -5.59 -0.75
C LEU B 54 30.49 -6.73 0.05
N ASN B 55 31.82 -6.85 0.00
CA ASN B 55 32.52 -7.90 0.73
C ASN B 55 32.38 -7.73 2.24
N MET B 56 32.52 -6.48 2.69
CA MET B 56 32.51 -6.22 4.13
C MET B 56 31.12 -6.48 4.73
N ARG B 57 30.07 -6.13 4.00
CA ARG B 57 28.72 -6.44 4.46
C ARG B 57 28.50 -7.95 4.52
N ASP B 58 28.95 -8.67 3.49
CA ASP B 58 28.87 -10.12 3.48
C ASP B 58 29.66 -10.72 4.63
N SER B 59 30.70 -10.02 5.09
CA SER B 59 31.53 -10.48 6.19
C SER B 59 30.92 -10.05 7.53
N GLY B 60 29.72 -9.47 7.47
CA GLY B 60 28.99 -9.11 8.69
C GLY B 60 29.22 -7.72 9.25
N LEU B 61 29.83 -6.83 8.46
CA LEU B 61 30.09 -5.48 8.94
C LEU B 61 28.96 -4.52 8.61
N ASP B 62 28.88 -3.43 9.36
CA ASP B 62 27.84 -2.44 9.16
C ASP B 62 28.34 -1.34 8.23
N ILE B 63 27.93 -1.41 6.97
CA ILE B 63 28.46 -0.56 5.92
C ILE B 63 27.47 0.46 5.39
N SER B 64 27.83 1.74 5.44
CA SER B 64 27.01 2.77 4.81
CA SER B 64 27.02 2.79 4.84
C SER B 64 27.89 3.67 3.94
N TYR B 65 27.25 4.37 2.99
CA TYR B 65 27.97 5.26 2.09
C TYR B 65 27.67 6.73 2.34
N ALA B 66 28.72 7.52 2.50
CA ALA B 66 28.56 8.96 2.65
C ALA B 66 28.91 9.68 1.36
N LEU B 67 27.89 10.29 0.76
CA LEU B 67 28.06 11.05 -0.48
C LEU B 67 27.89 12.56 -0.28
N ARG B 68 28.37 13.33 -1.23
CA ARG B 68 28.14 14.77 -1.21
C ARG B 68 26.66 15.01 -1.50
N LYS B 69 26.10 16.09 -0.96
CA LYS B 69 24.65 16.32 -1.10
C LYS B 69 24.24 16.38 -2.57
N GLU B 70 25.08 16.97 -3.40
CA GLU B 70 24.78 17.10 -4.82
C GLU B 70 24.76 15.76 -5.54
N ALA B 71 25.57 14.81 -5.05
CA ALA B 71 25.60 13.47 -5.63
C ALA B 71 24.26 12.74 -5.39
N ILE B 72 23.74 12.89 -4.19
CA ILE B 72 22.43 12.37 -3.84
C ILE B 72 21.34 13.11 -4.65
N ALA B 73 21.32 14.43 -4.56
CA ALA B 73 20.32 15.22 -5.29
C ALA B 73 20.28 14.93 -6.79
N GLU B 74 21.46 14.74 -7.39
CA GLU B 74 21.53 14.54 -8.84
C GLU B 74 21.41 13.07 -9.24
N LYS B 75 21.29 12.20 -8.22
CA LYS B 75 21.19 10.76 -8.47
C LYS B 75 22.39 10.27 -9.29
N ARG B 76 23.59 10.58 -8.83
CA ARG B 76 24.79 10.12 -9.52
C ARG B 76 24.92 8.60 -9.46
N ALA B 77 25.76 8.03 -10.31
CA ALA B 77 25.90 6.58 -10.39
C ALA B 77 26.21 5.98 -9.01
N SER B 78 27.04 6.68 -8.25
CA SER B 78 27.40 6.28 -6.90
C SER B 78 26.16 6.10 -6.03
N TRP B 79 25.27 7.08 -6.05
CA TRP B 79 24.04 6.97 -5.28
C TRP B 79 23.16 5.82 -5.81
N ARG B 80 23.10 5.69 -7.14
N ARG B 80 23.11 5.67 -7.13
CA ARG B 80 22.34 4.61 -7.77
CA ARG B 80 22.30 4.60 -7.72
C ARG B 80 22.85 3.25 -7.32
C ARG B 80 22.83 3.21 -7.39
N LYS B 81 24.15 3.04 -7.44
CA LYS B 81 24.78 1.75 -7.12
C LYS B 81 24.59 1.34 -5.64
N ALA B 82 24.78 2.30 -4.76
CA ALA B 82 24.61 2.04 -3.34
C ALA B 82 23.17 1.63 -2.98
N THR B 83 22.19 2.40 -3.46
CA THR B 83 20.79 2.13 -3.13
C THR B 83 20.26 0.86 -3.84
N GLU B 84 20.70 0.65 -5.08
CA GLU B 84 20.47 -0.59 -5.81
C GLU B 84 20.83 -1.81 -4.99
N ASN B 85 21.99 -1.73 -4.34
CA ASN B 85 22.52 -2.85 -3.59
C ASN B 85 22.06 -2.86 -2.14
N GLY B 86 21.14 -1.94 -1.82
CA GLY B 86 20.47 -1.94 -0.53
C GLY B 86 21.24 -1.35 0.64
N PHE B 87 22.25 -0.54 0.37
CA PHE B 87 23.03 0.10 1.44
C PHE B 87 22.37 1.40 1.89
N LYS B 88 22.49 1.70 3.18
CA LYS B 88 22.17 3.05 3.65
C LYS B 88 23.06 4.09 2.97
N VAL B 89 22.48 5.22 2.60
CA VAL B 89 23.23 6.31 1.99
C VAL B 89 22.83 7.62 2.64
N GLY B 90 23.82 8.46 2.95
CA GLY B 90 23.54 9.75 3.56
C GLY B 90 24.59 10.78 3.22
N THR B 91 24.40 11.99 3.70
CA THR B 91 25.38 13.05 3.56
C THR B 91 26.47 12.88 4.62
N TYR B 92 27.57 13.60 4.45
CA TYR B 92 28.65 13.57 5.43
C TYR B 92 28.12 13.90 6.82
N GLU B 93 27.27 14.92 6.91
CA GLU B 93 26.77 15.39 8.19
C GLU B 93 25.91 14.33 8.85
N GLU B 94 25.18 13.55 8.06
CA GLU B 94 24.36 12.48 8.60
C GLU B 94 25.14 11.27 9.11
N LEU B 95 26.20 10.87 8.40
CA LEU B 95 26.84 9.59 8.67
C LEU B 95 28.23 9.66 9.33
N ILE B 96 28.99 10.72 9.05
CA ILE B 96 30.36 10.77 9.51
C ILE B 96 30.50 10.90 11.03
N PRO B 97 29.66 11.73 11.67
CA PRO B 97 29.81 12.01 13.11
C PRO B 97 29.78 10.79 14.02
N GLN B 98 29.08 9.74 13.60
N GLN B 98 29.06 9.73 13.65
CA GLN B 98 29.01 8.51 14.39
CA GLN B 98 29.10 8.52 14.47
C GLN B 98 29.87 7.38 13.83
C GLN B 98 29.95 7.40 13.88
N ALA B 99 30.62 7.66 12.77
CA ALA B 99 31.48 6.65 12.14
C ALA B 99 32.63 6.23 13.07
N ASP B 100 32.80 4.93 13.23
CA ASP B 100 33.99 4.41 13.90
C ASP B 100 35.13 4.32 12.91
N LEU B 101 34.81 3.98 11.66
CA LEU B 101 35.82 3.89 10.62
C LEU B 101 35.30 4.60 9.35
N VAL B 102 36.04 5.62 8.93
CA VAL B 102 35.72 6.38 7.73
C VAL B 102 36.74 5.94 6.67
N ILE B 103 36.26 5.25 5.65
CA ILE B 103 37.13 4.74 4.61
C ILE B 103 37.10 5.67 3.39
N ASN B 104 38.24 6.26 3.08
CA ASN B 104 38.29 7.22 1.99
C ASN B 104 38.55 6.51 0.66
N LEU B 105 37.49 6.21 -0.10
CA LEU B 105 37.68 5.58 -1.41
C LEU B 105 37.30 6.53 -2.56
N THR B 106 37.95 7.69 -2.58
CA THR B 106 37.81 8.65 -3.66
C THR B 106 39.13 8.69 -4.43
N PRO B 107 39.17 9.34 -5.60
CA PRO B 107 40.45 9.33 -6.31
C PRO B 107 41.52 10.05 -5.51
N ASP B 108 42.74 9.54 -5.63
CA ASP B 108 43.88 10.04 -4.88
C ASP B 108 44.11 11.55 -5.07
N LYS B 109 43.95 12.04 -6.30
CA LYS B 109 44.17 13.44 -6.57
C LYS B 109 43.24 14.33 -5.75
N GLN B 110 42.08 13.78 -5.35
CA GLN B 110 41.07 14.52 -4.59
C GLN B 110 41.19 14.38 -3.08
N HIS B 111 42.15 13.59 -2.57
CA HIS B 111 42.15 13.27 -1.15
C HIS B 111 42.22 14.46 -0.18
N SER B 112 43.02 15.48 -0.52
CA SER B 112 43.16 16.64 0.36
C SER B 112 41.80 17.31 0.65
N ASP B 113 41.05 17.58 -0.41
N ASP B 113 41.04 17.58 -0.42
CA ASP B 113 39.73 18.20 -0.27
CA ASP B 113 39.71 18.18 -0.28
C ASP B 113 38.77 17.30 0.50
C ASP B 113 38.81 17.28 0.56
N VAL B 114 38.84 15.99 0.25
CA VAL B 114 37.99 15.02 0.96
C VAL B 114 38.34 14.92 2.44
N VAL B 115 39.61 14.74 2.73
CA VAL B 115 40.07 14.57 4.11
C VAL B 115 39.81 15.82 4.94
N ARG B 116 40.04 16.99 4.34
CA ARG B 116 39.85 18.24 5.06
C ARG B 116 38.37 18.58 5.28
N THR B 117 37.49 17.92 4.53
CA THR B 117 36.05 18.13 4.70
C THR B 117 35.48 17.15 5.72
N VAL B 118 36.03 15.94 5.75
CA VAL B 118 35.54 14.86 6.60
C VAL B 118 36.09 14.88 8.04
N GLN B 119 37.34 15.34 8.19
CA GLN B 119 38.00 15.32 9.51
C GLN B 119 37.19 16.01 10.61
N PRO B 120 36.79 17.27 10.37
CA PRO B 120 36.02 18.01 11.38
C PRO B 120 34.72 17.33 11.81
N LEU B 121 34.16 16.46 10.97
CA LEU B 121 32.94 15.75 11.36
C LEU B 121 33.20 14.48 12.18
N MET B 122 34.45 14.03 12.20
CA MET B 122 34.77 12.76 12.83
C MET B 122 34.85 12.87 14.34
N LYS B 123 34.18 11.95 15.03
CA LYS B 123 34.17 11.92 16.49
C LYS B 123 35.53 11.53 17.03
N ASP B 124 35.71 11.75 18.33
CA ASP B 124 36.98 11.50 18.98
C ASP B 124 37.40 10.02 18.93
N GLY B 125 38.64 9.75 18.55
CA GLY B 125 39.13 8.39 18.48
C GLY B 125 38.61 7.58 17.31
N ALA B 126 38.00 8.24 16.34
CA ALA B 126 37.57 7.53 15.13
C ALA B 126 38.81 7.14 14.32
N ALA B 127 38.61 6.29 13.32
CA ALA B 127 39.69 5.88 12.45
C ALA B 127 39.42 6.28 10.98
N LEU B 128 40.49 6.62 10.26
CA LEU B 128 40.43 7.02 8.87
C LEU B 128 41.22 6.04 8.03
N GLY B 129 40.55 5.40 7.07
CA GLY B 129 41.19 4.40 6.23
C GLY B 129 41.50 4.91 4.84
N TYR B 130 42.65 4.54 4.28
CA TYR B 130 42.94 4.78 2.85
C TYR B 130 43.25 3.45 2.16
N SER B 131 43.17 3.44 0.83
CA SER B 131 43.64 2.28 0.07
C SER B 131 44.87 2.59 -0.79
N HIS B 132 45.39 3.81 -0.63
CA HIS B 132 46.65 4.20 -1.23
C HIS B 132 47.19 5.36 -0.39
N GLY B 133 48.50 5.43 -0.25
CA GLY B 133 49.09 6.28 0.77
C GLY B 133 49.62 7.63 0.31
N PHE B 134 49.34 8.01 -0.93
CA PHE B 134 49.89 9.25 -1.50
C PHE B 134 49.59 10.51 -0.65
N ASN B 135 48.36 10.63 -0.17
CA ASN B 135 47.94 11.80 0.60
C ASN B 135 48.74 11.99 1.90
N ILE B 136 48.98 10.88 2.61
CA ILE B 136 49.76 10.90 3.83
C ILE B 136 51.26 11.14 3.60
N VAL B 137 51.81 10.46 2.61
CA VAL B 137 53.26 10.42 2.42
C VAL B 137 53.81 11.62 1.64
N GLU B 138 53.25 11.87 0.46
CA GLU B 138 53.76 12.91 -0.45
C GLU B 138 53.15 14.30 -0.19
N VAL B 139 51.83 14.36 -0.06
CA VAL B 139 51.16 15.62 0.25
C VAL B 139 51.52 16.05 1.66
N GLY B 140 51.70 15.06 2.55
CA GLY B 140 51.98 15.32 3.95
C GLY B 140 50.74 15.72 4.72
N GLU B 141 49.58 15.23 4.31
CA GLU B 141 48.33 15.61 4.96
C GLU B 141 48.44 15.36 6.47
N GLN B 142 48.00 16.34 7.26
CA GLN B 142 48.09 16.25 8.71
C GLN B 142 46.75 15.80 9.26
N ILE B 143 46.76 14.69 9.99
CA ILE B 143 45.55 14.11 10.51
C ILE B 143 45.42 14.30 12.01
N ARG B 144 44.28 14.84 12.43
CA ARG B 144 43.99 15.07 13.82
C ARG B 144 44.55 13.93 14.68
N LYS B 145 45.32 14.30 15.70
CA LYS B 145 46.08 13.33 16.50
C LYS B 145 45.26 12.19 17.13
N ASP B 146 44.01 12.44 17.50
CA ASP B 146 43.22 11.38 18.13
C ASP B 146 42.67 10.39 17.12
N ILE B 147 42.85 10.69 15.83
CA ILE B 147 42.35 9.78 14.79
C ILE B 147 43.39 8.72 14.45
N THR B 148 42.96 7.46 14.42
CA THR B 148 43.85 6.40 13.99
C THR B 148 43.81 6.31 12.46
N VAL B 149 44.98 6.19 11.83
CA VAL B 149 45.08 6.18 10.36
C VAL B 149 45.68 4.87 9.84
N VAL B 150 44.91 4.16 9.03
CA VAL B 150 45.29 2.84 8.53
C VAL B 150 45.10 2.75 7.02
N MET B 151 45.72 1.75 6.42
CA MET B 151 45.53 1.50 5.01
C MET B 151 45.27 0.02 4.74
N VAL B 152 44.30 -0.24 3.87
CA VAL B 152 44.11 -1.58 3.34
C VAL B 152 44.06 -1.47 1.81
N ALA B 153 45.05 -2.06 1.14
CA ALA B 153 45.20 -1.85 -0.31
C ALA B 153 45.15 -3.16 -1.06
N PRO B 154 43.98 -3.50 -1.63
CA PRO B 154 43.91 -4.71 -2.44
C PRO B 154 44.85 -4.55 -3.63
N LYS B 155 45.44 -5.64 -4.11
CA LYS B 155 46.33 -5.56 -5.28
C LYS B 155 45.62 -5.95 -6.59
N CYS B 156 44.32 -5.69 -6.66
CA CYS B 156 43.51 -6.01 -7.84
C CYS B 156 42.36 -5.02 -7.97
N PRO B 157 41.85 -4.85 -9.19
CA PRO B 157 40.73 -3.93 -9.34
C PRO B 157 39.49 -4.39 -8.56
N GLY B 158 38.58 -3.46 -8.28
CA GLY B 158 37.39 -3.73 -7.50
C GLY B 158 36.54 -4.92 -7.96
N THR B 159 36.27 -5.01 -9.25
CA THR B 159 35.41 -6.08 -9.75
C THR B 159 36.00 -7.44 -9.40
N GLU B 160 37.33 -7.53 -9.45
CA GLU B 160 38.01 -8.76 -9.13
C GLU B 160 38.00 -9.04 -7.63
N VAL B 161 38.05 -7.99 -6.81
CA VAL B 161 38.01 -8.22 -5.36
C VAL B 161 36.63 -8.73 -4.96
N ARG B 162 35.61 -8.33 -5.71
CA ARG B 162 34.26 -8.81 -5.47
C ARG B 162 34.09 -10.26 -5.90
N GLU B 163 34.49 -10.58 -7.12
CA GLU B 163 34.22 -11.92 -7.63
C GLU B 163 35.06 -13.01 -6.95
N GLU B 164 36.32 -12.70 -6.62
CA GLU B 164 37.13 -13.65 -5.85
C GLU B 164 36.51 -13.93 -4.48
N TYR B 165 35.99 -12.88 -3.84
CA TYR B 165 35.33 -13.03 -2.55
C TYR B 165 34.11 -13.94 -2.69
N LYS B 166 33.29 -13.69 -3.69
CA LYS B 166 32.12 -14.53 -3.92
C LYS B 166 32.52 -16.01 -4.09
N ARG B 167 33.70 -16.24 -4.66
CA ARG B 167 34.21 -17.60 -4.86
C ARG B 167 34.80 -18.22 -3.59
N GLY B 168 34.65 -17.54 -2.46
CA GLY B 168 35.27 -18.01 -1.23
C GLY B 168 36.75 -17.68 -1.14
N PHE B 169 37.23 -16.93 -2.13
CA PHE B 169 38.65 -16.56 -2.19
C PHE B 169 38.82 -15.07 -1.91
N GLY B 170 39.91 -14.50 -2.40
CA GLY B 170 40.21 -13.10 -2.19
C GLY B 170 41.41 -12.65 -3.01
N VAL B 171 41.95 -11.50 -2.67
CA VAL B 171 42.99 -10.87 -3.47
C VAL B 171 44.17 -10.46 -2.59
N PRO B 172 45.42 -10.57 -3.11
CA PRO B 172 46.54 -10.16 -2.27
C PRO B 172 46.35 -8.72 -1.84
N THR B 173 46.72 -8.43 -0.60
CA THR B 173 46.36 -7.16 0.02
C THR B 173 47.49 -6.63 0.89
N LEU B 174 47.72 -5.31 0.80
CA LEU B 174 48.72 -4.65 1.65
C LEU B 174 48.00 -3.96 2.78
N ILE B 175 48.54 -4.05 3.99
CA ILE B 175 48.05 -3.24 5.09
C ILE B 175 49.15 -2.41 5.73
N ALA B 176 48.74 -1.34 6.40
CA ALA B 176 49.70 -0.44 7.02
C ALA B 176 49.01 0.39 8.09
N VAL B 177 49.79 0.86 9.04
CA VAL B 177 49.32 1.75 10.08
C VAL B 177 50.28 2.95 10.09
N HIS B 178 49.73 4.16 9.99
CA HIS B 178 50.58 5.35 10.04
C HIS B 178 50.99 5.62 11.49
N PRO B 179 52.29 5.51 11.77
CA PRO B 179 52.78 5.58 13.16
C PRO B 179 52.52 6.94 13.86
N GLU B 180 52.39 8.03 13.10
CA GLU B 180 52.01 9.33 13.68
C GLU B 180 50.55 9.37 14.14
N ASN B 181 49.79 8.35 13.79
CA ASN B 181 48.36 8.33 14.10
C ASN B 181 47.89 6.95 14.56
N ASP B 182 48.35 6.52 15.72
CA ASP B 182 47.95 5.24 16.28
C ASP B 182 47.81 5.36 17.80
N PRO B 183 47.01 6.34 18.24
CA PRO B 183 46.96 6.75 19.66
C PRO B 183 46.49 5.67 20.63
N LYS B 184 45.80 4.65 20.14
CA LYS B 184 45.26 3.62 21.01
C LYS B 184 45.97 2.30 20.76
N GLY B 185 46.96 2.34 19.87
CA GLY B 185 47.62 1.13 19.42
C GLY B 185 46.67 0.12 18.78
N GLU B 186 45.51 0.57 18.33
CA GLU B 186 44.55 -0.36 17.71
C GLU B 186 44.59 -0.38 16.16
N GLY B 187 45.45 0.43 15.56
CA GLY B 187 45.60 0.45 14.11
C GLY B 187 45.68 -0.89 13.41
N MET B 188 46.58 -1.75 13.88
CA MET B 188 46.76 -3.05 13.25
C MET B 188 45.50 -3.90 13.37
N ALA B 189 44.87 -3.85 14.55
CA ALA B 189 43.60 -4.55 14.75
C ALA B 189 42.52 -4.07 13.75
N ILE B 190 42.44 -2.76 13.55
CA ILE B 190 41.47 -2.20 12.62
C ILE B 190 41.82 -2.63 11.18
N ALA B 191 43.07 -2.44 10.80
CA ALA B 191 43.56 -2.80 9.47
C ALA B 191 43.37 -4.26 9.15
N LYS B 192 43.71 -5.13 10.09
CA LYS B 192 43.58 -6.57 9.84
C LYS B 192 42.11 -7.00 9.68
N ALA B 193 41.21 -6.39 10.45
CA ALA B 193 39.81 -6.75 10.37
C ALA B 193 39.18 -6.26 9.08
N TRP B 194 39.57 -5.06 8.66
CA TRP B 194 39.08 -4.48 7.41
C TRP B 194 39.55 -5.35 6.25
N ALA B 195 40.83 -5.72 6.27
CA ALA B 195 41.40 -6.59 5.24
C ALA B 195 40.68 -7.94 5.19
N ALA B 196 40.50 -8.55 6.36
CA ALA B 196 39.78 -9.82 6.44
C ALA B 196 38.34 -9.68 5.98
N ALA B 197 37.71 -8.55 6.29
CA ALA B 197 36.33 -8.35 5.85
C ALA B 197 36.22 -8.29 4.32
N THR B 198 37.28 -7.83 3.65
CA THR B 198 37.31 -7.82 2.19
C THR B 198 37.75 -9.15 1.60
N GLY B 199 38.22 -10.06 2.46
CA GLY B 199 38.67 -11.37 2.02
C GLY B 199 40.15 -11.54 1.72
N GLY B 200 40.95 -10.54 2.05
CA GLY B 200 42.36 -10.55 1.69
C GLY B 200 43.16 -11.64 2.38
N HIS B 201 42.74 -12.04 3.58
CA HIS B 201 43.46 -13.04 4.35
C HIS B 201 43.25 -14.44 3.76
N ARG B 202 42.30 -14.57 2.83
CA ARG B 202 42.09 -15.84 2.14
C ARG B 202 43.13 -16.03 1.05
N ALA B 203 43.74 -14.95 0.60
CA ALA B 203 44.75 -15.02 -0.45
C ALA B 203 46.14 -14.82 0.15
N GLY B 204 46.41 -13.61 0.60
CA GLY B 204 47.67 -13.30 1.27
C GLY B 204 47.67 -11.84 1.65
N VAL B 205 48.12 -11.54 2.86
CA VAL B 205 48.19 -10.15 3.30
C VAL B 205 49.62 -9.81 3.68
N LEU B 206 50.10 -8.66 3.23
CA LEU B 206 51.43 -8.20 3.60
C LEU B 206 51.37 -7.03 4.56
N GLU B 207 52.08 -7.14 5.68
CA GLU B 207 52.21 -6.01 6.59
C GLU B 207 53.29 -5.07 6.06
N SER B 208 52.87 -3.89 5.64
CA SER B 208 53.77 -2.98 4.99
C SER B 208 53.64 -1.62 5.67
N SER B 209 53.76 -0.54 4.89
CA SER B 209 53.68 0.79 5.46
C SER B 209 53.26 1.80 4.40
N PHE B 210 52.73 2.95 4.84
CA PHE B 210 52.31 3.98 3.90
C PHE B 210 53.46 4.36 2.99
N VAL B 211 54.63 4.59 3.58
CA VAL B 211 55.82 4.97 2.81
C VAL B 211 56.22 3.93 1.75
N ALA B 212 56.35 2.67 2.13
CA ALA B 212 56.78 1.65 1.17
C ALA B 212 55.78 1.49 0.04
N GLU B 213 54.50 1.52 0.40
CA GLU B 213 53.45 1.36 -0.60
C GLU B 213 53.50 2.47 -1.65
N VAL B 214 53.68 3.71 -1.22
CA VAL B 214 53.71 4.86 -2.12
C VAL B 214 54.93 4.88 -3.01
N LYS B 215 56.12 4.79 -2.41
CA LYS B 215 57.36 4.88 -3.18
C LYS B 215 57.45 3.76 -4.20
N SER B 216 57.09 2.54 -3.81
CA SER B 216 57.14 1.43 -4.76
C SER B 216 56.08 1.56 -5.85
N ASP B 217 54.87 1.93 -5.48
CA ASP B 217 53.81 2.09 -6.48
C ASP B 217 54.20 3.12 -7.55
N LEU B 218 54.65 4.28 -7.10
CA LEU B 218 55.09 5.34 -8.01
C LEU B 218 56.18 4.84 -8.95
N MET B 219 57.15 4.09 -8.41
CA MET B 219 58.25 3.63 -9.24
C MET B 219 57.82 2.58 -10.25
N GLY B 220 57.02 1.61 -9.81
CA GLY B 220 56.54 0.59 -10.73
C GLY B 220 55.77 1.20 -11.88
N GLU B 221 54.88 2.13 -11.55
CA GLU B 221 53.97 2.61 -12.58
C GLU B 221 54.68 3.50 -13.60
N GLN B 222 55.60 4.36 -13.16
CA GLN B 222 56.22 5.26 -14.14
C GLN B 222 57.33 4.62 -14.98
N THR B 223 58.00 3.61 -14.44
CA THR B 223 58.99 2.91 -15.26
C THR B 223 58.36 1.70 -15.99
N ILE B 224 58.36 0.53 -15.37
CA ILE B 224 57.90 -0.66 -16.06
C ILE B 224 56.42 -0.65 -16.50
N LEU B 225 55.48 -0.39 -15.58
CA LEU B 225 54.05 -0.56 -15.86
C LEU B 225 53.48 0.31 -16.99
N CYS B 226 53.74 1.60 -16.95
CA CYS B 226 53.11 2.50 -17.92
C CYS B 226 54.11 3.17 -18.84
N GLY B 227 55.15 3.77 -18.25
CA GLY B 227 56.20 4.38 -19.02
C GLY B 227 56.81 3.45 -20.05
N MET B 228 57.21 2.24 -19.64
CA MET B 228 57.89 1.31 -20.54
C MET B 228 56.96 0.77 -21.62
N LEU B 229 55.72 0.50 -21.24
CA LEU B 229 54.73 0.05 -22.20
C LEU B 229 54.43 1.16 -23.20
N GLN B 230 54.32 2.41 -22.73
CA GLN B 230 54.11 3.51 -23.69
C GLN B 230 55.35 3.74 -24.58
N ALA B 231 56.53 3.84 -23.97
CA ALA B 231 57.75 4.06 -24.75
C ALA B 231 57.98 2.90 -25.71
N GLY B 232 57.80 1.69 -25.20
CA GLY B 232 57.98 0.48 -26.01
C GLY B 232 56.99 0.36 -27.15
N SER B 233 55.74 0.75 -26.91
CA SER B 233 54.71 0.69 -27.93
C SER B 233 55.06 1.59 -29.09
N LEU B 234 55.45 2.82 -28.79
CA LEU B 234 55.78 3.80 -29.82
C LEU B 234 57.05 3.40 -30.57
N LEU B 235 58.10 3.07 -29.81
CA LEU B 235 59.36 2.67 -30.43
C LEU B 235 59.15 1.49 -31.35
N CYS B 236 58.40 0.49 -30.91
CA CYS B 236 58.27 -0.73 -31.70
C CYS B 236 57.39 -0.57 -32.93
N PHE B 237 56.24 0.07 -32.79
CA PHE B 237 55.39 0.32 -33.95
C PHE B 237 56.17 1.11 -35.00
N ASP B 238 56.86 2.17 -34.58
CA ASP B 238 57.57 3.01 -35.54
C ASP B 238 58.66 2.23 -36.28
N LYS B 239 59.35 1.35 -35.57
CA LYS B 239 60.42 0.56 -36.17
C LYS B 239 59.87 -0.52 -37.09
N LEU B 240 58.74 -1.12 -36.73
CA LEU B 240 58.10 -2.09 -37.60
C LEU B 240 57.73 -1.42 -38.93
N VAL B 241 57.11 -0.24 -38.83
CA VAL B 241 56.68 0.52 -40.01
C VAL B 241 57.89 0.96 -40.84
N GLU B 242 58.87 1.54 -40.18
CA GLU B 242 60.09 1.98 -40.84
C GLU B 242 60.69 0.87 -41.68
N GLU B 243 60.66 -0.36 -41.15
CA GLU B 243 61.29 -1.50 -41.83
C GLU B 243 60.35 -2.27 -42.76
N GLY B 244 59.21 -1.67 -43.10
CA GLY B 244 58.37 -2.22 -44.15
C GLY B 244 57.17 -3.03 -43.73
N THR B 245 56.94 -3.19 -42.43
CA THR B 245 55.75 -3.90 -41.97
C THR B 245 54.50 -3.07 -42.30
N ASP B 246 53.47 -3.73 -42.85
CA ASP B 246 52.19 -3.07 -43.11
C ASP B 246 51.67 -2.40 -41.81
N PRO B 247 51.39 -1.09 -41.88
CA PRO B 247 51.05 -0.36 -40.66
C PRO B 247 49.92 -1.01 -39.83
N ALA B 248 48.81 -1.35 -40.47
CA ALA B 248 47.68 -1.93 -39.74
C ALA B 248 48.09 -3.21 -39.02
N TYR B 249 48.95 -4.00 -39.65
CA TYR B 249 49.41 -5.25 -39.05
C TYR B 249 50.34 -4.93 -37.88
N ALA B 250 51.22 -3.96 -38.08
CA ALA B 250 52.11 -3.52 -37.02
C ALA B 250 51.31 -3.04 -35.81
N GLU B 251 50.24 -2.27 -36.04
CA GLU B 251 49.49 -1.76 -34.90
C GLU B 251 48.81 -2.88 -34.11
N LYS B 252 48.32 -3.92 -34.79
CA LYS B 252 47.73 -5.05 -34.07
C LYS B 252 48.80 -5.83 -33.30
N LEU B 253 49.97 -5.97 -33.92
CA LEU B 253 51.08 -6.66 -33.27
C LEU B 253 51.38 -6.00 -31.92
N ILE B 254 51.50 -4.68 -31.92
CA ILE B 254 51.81 -3.94 -30.70
C ILE B 254 50.61 -3.88 -29.76
N GLN B 255 49.42 -3.67 -30.30
CA GLN B 255 48.24 -3.50 -29.46
C GLN B 255 47.98 -4.73 -28.59
N PHE B 256 48.11 -5.91 -29.18
CA PHE B 256 47.81 -7.16 -28.49
C PHE B 256 49.05 -7.95 -28.04
N GLY B 257 50.24 -7.55 -28.50
CA GLY B 257 51.43 -8.27 -28.15
C GLY B 257 51.71 -8.27 -26.65
N TRP B 258 51.64 -7.10 -26.03
CA TRP B 258 51.95 -6.97 -24.62
C TRP B 258 51.08 -7.89 -23.79
N GLU B 259 49.77 -7.86 -24.07
CA GLU B 259 48.83 -8.71 -23.36
C GLU B 259 49.17 -10.20 -23.52
N THR B 260 49.50 -10.61 -24.74
CA THR B 260 49.81 -12.01 -25.00
C THR B 260 51.09 -12.48 -24.32
N ILE B 261 52.16 -11.70 -24.40
CA ILE B 261 53.39 -12.15 -23.77
C ILE B 261 53.31 -12.11 -22.24
N THR B 262 52.56 -11.14 -21.71
CA THR B 262 52.47 -11.00 -20.26
C THR B 262 51.49 -11.99 -19.65
N GLU B 263 50.64 -12.60 -20.46
CA GLU B 263 49.88 -13.75 -20.00
C GLU B 263 50.85 -14.82 -19.48
N ALA B 264 51.94 -15.05 -20.21
CA ALA B 264 52.95 -16.02 -19.76
C ALA B 264 53.64 -15.50 -18.49
N LEU B 265 53.95 -14.21 -18.50
CA LEU B 265 54.53 -13.57 -17.31
C LEU B 265 53.62 -13.77 -16.09
N LYS B 266 52.32 -13.62 -16.30
CA LYS B 266 51.35 -13.81 -15.22
C LYS B 266 51.39 -15.24 -14.67
N GLN B 267 51.47 -16.22 -15.56
CA GLN B 267 51.41 -17.62 -15.18
C GLN B 267 52.73 -18.14 -14.58
N GLY B 268 53.86 -17.55 -14.97
CA GLY B 268 55.13 -18.10 -14.55
C GLY B 268 56.32 -17.18 -14.59
N GLY B 269 56.11 -15.87 -14.48
CA GLY B 269 57.20 -14.92 -14.38
C GLY B 269 57.98 -14.75 -15.70
N ILE B 270 59.09 -14.04 -15.62
CA ILE B 270 59.94 -13.85 -16.79
C ILE B 270 60.41 -15.21 -17.30
N THR B 271 60.64 -16.13 -16.37
CA THR B 271 61.05 -17.48 -16.73
C THR B 271 60.15 -18.09 -17.83
N LEU B 272 58.85 -18.14 -17.56
CA LEU B 272 57.92 -18.73 -18.50
C LEU B 272 57.81 -17.92 -19.79
N MET B 273 57.85 -16.60 -19.66
CA MET B 273 57.75 -15.75 -20.84
C MET B 273 58.89 -16.01 -21.83
N MET B 274 60.11 -16.13 -21.30
CA MET B 274 61.27 -16.46 -22.13
C MET B 274 61.18 -17.91 -22.67
N ASP B 275 60.67 -18.82 -21.86
CA ASP B 275 60.56 -20.23 -22.24
C ASP B 275 59.68 -20.41 -23.47
N ARG B 276 58.75 -19.48 -23.69
CA ARG B 276 57.85 -19.59 -24.81
C ARG B 276 58.56 -19.33 -26.15
N LEU B 277 59.74 -18.71 -26.11
CA LEU B 277 60.52 -18.49 -27.34
C LEU B 277 61.29 -19.74 -27.77
N SER B 278 61.72 -19.78 -29.03
CA SER B 278 62.64 -20.81 -29.48
C SER B 278 63.99 -20.55 -28.80
N ASN B 279 64.83 -21.58 -28.72
CA ASN B 279 66.13 -21.41 -28.07
C ASN B 279 66.98 -20.27 -28.63
N PRO B 280 67.14 -20.20 -29.97
CA PRO B 280 67.93 -19.08 -30.50
C PRO B 280 67.27 -17.73 -30.24
N ALA B 281 65.94 -17.70 -30.26
CA ALA B 281 65.23 -16.44 -29.99
C ALA B 281 65.42 -16.05 -28.52
N LYS B 282 65.36 -17.04 -27.64
CA LYS B 282 65.59 -16.81 -26.22
C LYS B 282 66.96 -16.19 -25.95
N LEU B 283 68.01 -16.76 -26.54
CA LEU B 283 69.37 -16.24 -26.36
C LEU B 283 69.44 -14.78 -26.82
N ARG B 284 68.75 -14.49 -27.92
CA ARG B 284 68.74 -13.13 -28.44
C ARG B 284 67.91 -12.16 -27.57
N ALA B 285 66.76 -12.59 -27.06
CA ALA B 285 65.96 -11.74 -26.16
C ALA B 285 66.78 -11.41 -24.92
N TYR B 286 67.50 -12.40 -24.43
CA TYR B 286 68.30 -12.22 -23.23
C TYR B 286 69.36 -11.15 -23.47
N ALA B 287 70.06 -11.25 -24.59
CA ALA B 287 71.10 -10.30 -24.94
C ALA B 287 70.53 -8.90 -25.12
N LEU B 288 69.39 -8.79 -25.80
CA LEU B 288 68.77 -7.49 -26.02
C LEU B 288 68.39 -6.88 -24.67
N SER B 289 67.92 -7.72 -23.76
CA SER B 289 67.51 -7.26 -22.44
C SER B 289 68.68 -6.69 -21.65
N GLU B 290 69.83 -7.36 -21.71
CA GLU B 290 71.03 -6.88 -21.03
C GLU B 290 71.50 -5.53 -21.60
N GLN B 291 71.45 -5.39 -22.91
CA GLN B 291 71.84 -4.12 -23.54
C GLN B 291 70.89 -3.01 -23.10
N LEU B 292 69.60 -3.32 -23.13
CA LEU B 292 68.58 -2.38 -22.71
C LEU B 292 68.82 -1.91 -21.26
N LYS B 293 69.11 -2.85 -20.36
CA LYS B 293 69.29 -2.53 -18.95
C LYS B 293 70.45 -1.57 -18.75
N GLU B 294 71.52 -1.82 -19.48
CA GLU B 294 72.71 -0.98 -19.44
C GLU B 294 72.37 0.43 -19.90
N ILE B 295 71.59 0.53 -20.97
CA ILE B 295 71.23 1.85 -21.50
C ILE B 295 70.23 2.61 -20.61
N MET B 296 69.28 1.89 -20.01
CA MET B 296 68.20 2.55 -19.25
C MET B 296 68.50 2.79 -17.77
N ALA B 297 69.55 2.14 -17.25
CA ALA B 297 69.79 2.19 -15.81
C ALA B 297 69.83 3.62 -15.24
N PRO B 298 70.52 4.56 -15.91
CA PRO B 298 70.52 5.92 -15.34
C PRO B 298 69.12 6.53 -15.29
N LEU B 299 68.29 6.27 -16.31
CA LEU B 299 66.94 6.81 -16.36
C LEU B 299 66.07 6.24 -15.26
N PHE B 300 66.13 4.92 -15.05
CA PHE B 300 65.36 4.29 -14.00
C PHE B 300 65.78 4.83 -12.64
N GLN B 301 67.10 4.92 -12.45
CA GLN B 301 67.66 5.39 -11.19
C GLN B 301 67.22 6.82 -10.91
N LYS B 302 67.20 7.63 -11.96
CA LYS B 302 66.74 9.01 -11.83
C LYS B 302 65.28 9.06 -11.34
N HIS B 303 64.43 8.23 -11.91
CA HIS B 303 63.02 8.19 -11.50
C HIS B 303 62.83 7.76 -10.04
N MET B 304 63.61 6.77 -9.62
CA MET B 304 63.51 6.30 -8.24
C MET B 304 63.97 7.43 -7.31
N ASP B 305 65.11 8.03 -7.64
CA ASP B 305 65.71 9.06 -6.82
C ASP B 305 64.76 10.26 -6.68
N ASP B 306 64.12 10.64 -7.78
CA ASP B 306 63.19 11.78 -7.73
C ASP B 306 61.93 11.42 -6.92
N ILE B 307 61.52 10.16 -7.00
CA ILE B 307 60.41 9.66 -6.20
C ILE B 307 60.81 9.67 -4.72
N ILE B 308 62.02 9.21 -4.42
CA ILE B 308 62.48 9.17 -3.04
C ILE B 308 62.56 10.57 -2.43
N SER B 309 63.12 11.51 -3.19
CA SER B 309 63.44 12.85 -2.68
C SER B 309 62.23 13.75 -2.58
N GLY B 310 61.15 13.39 -3.27
CA GLY B 310 59.95 14.22 -3.28
C GLY B 310 59.93 15.15 -4.48
N GLU B 311 61.03 15.21 -5.20
N GLU B 311 61.03 15.18 -5.22
CA GLU B 311 61.13 16.02 -6.41
CA GLU B 311 61.13 16.02 -6.41
C GLU B 311 60.06 15.62 -7.45
C GLU B 311 60.12 15.61 -7.49
N PHE B 312 59.78 14.33 -7.55
CA PHE B 312 58.76 13.89 -8.50
C PHE B 312 57.36 14.43 -8.16
N SER B 313 56.94 14.25 -6.92
CA SER B 313 55.57 14.58 -6.57
C SER B 313 55.39 16.07 -6.40
N SER B 314 56.45 16.78 -6.01
CA SER B 314 56.34 18.24 -5.93
C SER B 314 56.25 18.81 -7.34
N GLY B 315 57.08 18.29 -8.24
CA GLY B 315 57.02 18.70 -9.63
C GLY B 315 55.65 18.43 -10.22
N MET B 316 55.07 17.28 -9.88
CA MET B 316 53.79 16.90 -10.45
C MET B 316 52.69 17.78 -9.87
N MET B 317 52.72 17.98 -8.56
CA MET B 317 51.72 18.83 -7.91
C MET B 317 51.80 20.31 -8.31
N ALA B 318 52.96 20.77 -8.74
CA ALA B 318 53.03 22.11 -9.33
C ALA B 318 52.23 22.13 -10.64
N ASP B 319 52.25 21.02 -11.38
CA ASP B 319 51.44 20.91 -12.59
C ASP B 319 49.95 20.86 -12.25
N TRP B 320 49.59 20.15 -11.19
CA TRP B 320 48.21 20.15 -10.71
C TRP B 320 47.74 21.57 -10.50
N ALA B 321 48.59 22.39 -9.89
CA ALA B 321 48.22 23.75 -9.54
C ALA B 321 48.24 24.66 -10.78
N ASN B 322 48.86 24.17 -11.86
CA ASN B 322 48.90 24.92 -13.12
C ASN B 322 47.93 24.33 -14.14
N ASP B 323 46.76 23.92 -13.67
CA ASP B 323 45.72 23.33 -14.53
C ASP B 323 46.18 22.14 -15.38
N ASP B 324 47.09 21.34 -14.85
CA ASP B 324 47.56 20.14 -15.55
C ASP B 324 48.15 20.41 -16.93
N LYS B 325 48.72 21.59 -17.10
CA LYS B 325 49.29 22.00 -18.39
C LYS B 325 50.20 20.94 -19.03
N LYS B 326 51.17 20.44 -18.27
CA LYS B 326 52.10 19.46 -18.82
C LYS B 326 51.42 18.13 -19.14
N LEU B 327 50.60 17.66 -18.22
CA LEU B 327 49.82 16.43 -18.42
C LEU B 327 49.05 16.49 -19.73
N LEU B 328 48.26 17.55 -19.89
CA LEU B 328 47.38 17.68 -21.06
C LEU B 328 48.16 17.83 -22.36
N THR B 329 49.28 18.55 -22.31
CA THR B 329 50.14 18.70 -23.48
C THR B 329 50.72 17.34 -23.88
N TRP B 330 51.22 16.59 -22.90
CA TRP B 330 51.76 15.26 -23.17
C TRP B 330 50.67 14.32 -23.64
N ARG B 331 49.49 14.42 -23.03
CA ARG B 331 48.37 13.58 -23.43
C ARG B 331 47.99 13.82 -24.90
N GLU B 332 47.91 15.08 -25.28
CA GLU B 332 47.56 15.46 -26.63
C GLU B 332 48.61 14.96 -27.63
N GLU B 333 49.87 15.21 -27.32
CA GLU B 333 50.96 14.77 -28.19
CA GLU B 333 50.96 14.77 -28.19
C GLU B 333 50.90 13.25 -28.35
N THR B 334 50.51 12.56 -27.28
CA THR B 334 50.41 11.11 -27.33
C THR B 334 49.33 10.67 -28.32
N GLY B 335 48.27 11.48 -28.41
CA GLY B 335 47.14 11.16 -29.29
C GLY B 335 47.40 11.39 -30.76
N LYS B 336 48.43 12.17 -31.08
CA LYS B 336 48.75 12.49 -32.48
C LYS B 336 49.86 11.57 -32.98
N THR B 337 50.18 10.61 -32.14
CA THR B 337 51.24 9.65 -32.38
C THR B 337 50.84 8.64 -33.48
N ALA B 338 51.82 8.13 -34.21
CA ALA B 338 51.51 7.22 -35.31
C ALA B 338 50.78 5.95 -34.83
N PHE B 339 51.26 5.37 -33.74
CA PHE B 339 50.61 4.18 -33.20
C PHE B 339 49.15 4.44 -32.82
N GLU B 340 48.91 5.56 -32.16
CA GLU B 340 47.57 5.87 -31.66
C GLU B 340 46.57 6.17 -32.78
N THR B 341 47.07 6.54 -33.96
CA THR B 341 46.20 6.90 -35.06
C THR B 341 46.22 5.87 -36.18
N ALA B 342 47.00 4.81 -35.99
CA ALA B 342 47.14 3.81 -37.06
C ALA B 342 45.85 3.05 -37.25
N PRO B 343 45.58 2.61 -38.50
CA PRO B 343 44.45 1.72 -38.73
C PRO B 343 44.71 0.38 -38.02
N GLN B 344 43.65 -0.38 -37.69
CA GLN B 344 43.86 -1.67 -37.07
C GLN B 344 43.54 -2.84 -38.00
N TYR B 345 44.53 -3.68 -38.24
CA TYR B 345 44.35 -4.93 -38.96
C TYR B 345 43.26 -5.79 -38.29
N GLU B 346 42.34 -6.30 -39.09
CA GLU B 346 41.24 -7.11 -38.53
C GLU B 346 41.52 -8.60 -38.64
N GLY B 347 42.57 -8.96 -39.38
CA GLY B 347 42.90 -10.35 -39.59
C GLY B 347 43.54 -11.05 -38.41
N LYS B 348 44.01 -12.27 -38.64
CA LYS B 348 44.50 -13.13 -37.58
C LYS B 348 45.99 -13.03 -37.29
N ILE B 349 46.32 -12.93 -36.01
CA ILE B 349 47.69 -13.09 -35.56
C ILE B 349 47.64 -14.19 -34.51
N GLY B 350 48.31 -15.31 -34.78
CA GLY B 350 48.30 -16.45 -33.89
C GLY B 350 49.05 -16.20 -32.59
N GLU B 351 48.66 -16.88 -31.52
CA GLU B 351 49.28 -16.64 -30.24
C GLU B 351 50.80 -16.72 -30.27
N GLN B 352 51.35 -17.80 -30.83
CA GLN B 352 52.81 -17.95 -30.87
C GLN B 352 53.47 -16.81 -31.65
N GLU B 353 52.72 -16.24 -32.60
CA GLU B 353 53.28 -15.16 -33.44
C GLU B 353 53.61 -13.88 -32.66
N TYR B 354 52.86 -13.60 -31.61
CA TYR B 354 53.16 -12.42 -30.78
C TYR B 354 54.50 -12.60 -30.07
N PHE B 355 54.77 -13.83 -29.63
CA PHE B 355 56.07 -14.13 -29.04
C PHE B 355 57.17 -14.04 -30.10
N ASP B 356 57.02 -14.81 -31.18
CA ASP B 356 58.09 -14.93 -32.18
C ASP B 356 58.42 -13.61 -32.90
N LYS B 357 57.40 -12.81 -33.14
CA LYS B 357 57.64 -11.56 -33.84
C LYS B 357 57.87 -10.43 -32.85
N GLY B 358 57.88 -10.76 -31.56
CA GLY B 358 57.97 -9.73 -30.53
C GLY B 358 59.15 -9.96 -29.62
N VAL B 359 60.27 -10.37 -30.21
CA VAL B 359 61.45 -10.67 -29.42
C VAL B 359 61.88 -9.42 -28.63
N LEU B 360 61.93 -8.28 -29.31
CA LEU B 360 62.31 -7.02 -28.65
C LEU B 360 61.32 -6.66 -27.54
N MET B 361 60.05 -6.93 -27.77
CA MET B 361 59.04 -6.58 -26.78
C MET B 361 59.27 -7.38 -25.50
N ILE B 362 59.53 -8.67 -25.68
CA ILE B 362 59.85 -9.54 -24.58
C ILE B 362 61.09 -9.06 -23.86
N ALA B 363 62.10 -8.62 -24.61
CA ALA B 363 63.32 -8.10 -23.98
C ALA B 363 63.07 -6.83 -23.19
N MET B 364 62.15 -6.01 -23.70
CA MET B 364 61.78 -4.76 -23.02
C MET B 364 61.06 -5.03 -21.70
N VAL B 365 60.21 -6.04 -21.68
CA VAL B 365 59.51 -6.45 -20.46
C VAL B 365 60.52 -6.94 -19.44
N LYS B 366 61.39 -7.85 -19.85
CA LYS B 366 62.42 -8.39 -18.97
C LYS B 366 63.29 -7.27 -18.38
N ALA B 367 63.87 -6.46 -19.27
CA ALA B 367 64.76 -5.38 -18.86
C ALA B 367 64.07 -4.36 -17.94
N GLY B 368 62.90 -3.87 -18.38
CA GLY B 368 62.18 -2.90 -17.56
C GLY B 368 61.78 -3.46 -16.20
N VAL B 369 61.22 -4.66 -16.19
CA VAL B 369 60.79 -5.28 -14.95
C VAL B 369 61.97 -5.49 -14.00
N GLU B 370 63.07 -6.07 -14.49
CA GLU B 370 64.23 -6.32 -13.65
C GLU B 370 64.84 -5.02 -13.13
N LEU B 371 64.96 -4.05 -14.03
CA LEU B 371 65.58 -2.78 -13.68
C LEU B 371 64.76 -2.06 -12.60
N ALA B 372 63.44 -2.07 -12.74
CA ALA B 372 62.61 -1.37 -11.76
C ALA B 372 62.75 -2.05 -10.42
N PHE B 373 62.72 -3.37 -10.45
CA PHE B 373 62.83 -4.18 -9.26
C PHE B 373 64.16 -3.93 -8.56
N GLU B 374 65.25 -4.05 -9.30
CA GLU B 374 66.59 -3.81 -8.77
C GLU B 374 66.73 -2.41 -8.17
N THR B 375 66.24 -1.42 -8.89
CA THR B 375 66.41 -0.02 -8.47
C THR B 375 65.64 0.21 -7.17
N MET B 376 64.50 -0.45 -7.02
CA MET B 376 63.69 -0.32 -5.80
C MET B 376 64.41 -0.98 -4.62
N VAL B 377 64.90 -2.19 -4.84
CA VAL B 377 65.57 -2.94 -3.81
C VAL B 377 66.84 -2.21 -3.38
N ASP B 378 67.51 -1.55 -4.31
CA ASP B 378 68.69 -0.74 -4.00
C ASP B 378 68.31 0.48 -3.20
N SER B 379 67.02 0.81 -3.17
CA SER B 379 66.57 1.99 -2.44
C SER B 379 65.89 1.69 -1.11
N GLY B 380 66.10 0.50 -0.56
CA GLY B 380 65.54 0.18 0.75
C GLY B 380 64.17 -0.49 0.71
N ILE B 381 63.61 -0.65 -0.49
CA ILE B 381 62.33 -1.37 -0.64
C ILE B 381 62.60 -2.87 -0.67
N ILE B 382 61.78 -3.63 0.05
CA ILE B 382 61.89 -5.07 0.11
C ILE B 382 61.40 -5.75 -1.16
N GLU B 383 62.01 -6.89 -1.48
N GLU B 383 61.99 -6.90 -1.49
CA GLU B 383 61.70 -7.66 -2.68
CA GLU B 383 61.67 -7.62 -2.71
C GLU B 383 60.20 -7.83 -2.94
C GLU B 383 60.18 -7.84 -2.95
N GLU B 384 59.45 -8.21 -1.90
CA GLU B 384 58.03 -8.50 -2.04
C GLU B 384 57.26 -7.29 -2.52
N SER B 385 57.50 -6.14 -1.91
CA SER B 385 56.88 -4.91 -2.36
C SER B 385 57.26 -4.64 -3.81
N ALA B 386 58.56 -4.70 -4.10
CA ALA B 386 59.05 -4.45 -5.45
C ALA B 386 58.36 -5.38 -6.44
N TYR B 387 58.20 -6.64 -6.07
CA TYR B 387 57.53 -7.61 -6.93
C TYR B 387 56.08 -7.18 -7.20
N TYR B 388 55.34 -6.86 -6.13
CA TYR B 388 53.91 -6.54 -6.26
C TYR B 388 53.59 -5.25 -7.01
N GLU B 389 54.57 -4.35 -7.12
CA GLU B 389 54.33 -3.07 -7.80
C GLU B 389 54.91 -3.06 -9.22
N SER B 390 55.50 -4.17 -9.64
CA SER B 390 55.99 -4.23 -11.01
C SER B 390 55.44 -5.46 -11.73
N LEU B 391 56.16 -6.58 -11.64
CA LEU B 391 55.77 -7.80 -12.36
C LEU B 391 54.30 -8.18 -12.13
N HIS B 392 53.87 -8.19 -10.86
CA HIS B 392 52.50 -8.60 -10.55
C HIS B 392 51.44 -7.84 -11.34
N GLU B 393 51.67 -6.56 -11.56
CA GLU B 393 50.64 -5.67 -12.07
C GLU B 393 50.69 -5.51 -13.57
N LEU B 394 51.78 -5.97 -14.16
CA LEU B 394 52.01 -5.73 -15.58
C LEU B 394 50.90 -6.33 -16.50
N PRO B 395 50.49 -7.58 -16.24
CA PRO B 395 49.46 -8.17 -17.12
C PRO B 395 48.17 -7.32 -17.23
N LEU B 396 47.75 -6.71 -16.13
CA LEU B 396 46.54 -5.89 -16.13
C LEU B 396 46.71 -4.62 -16.96
N ILE B 397 47.87 -3.99 -16.87
CA ILE B 397 48.12 -2.80 -17.67
C ILE B 397 48.21 -3.15 -19.15
N ALA B 398 48.81 -4.29 -19.47
CA ALA B 398 48.84 -4.76 -20.86
C ALA B 398 47.43 -4.99 -21.42
N ASN B 399 46.53 -5.45 -20.56
N ASN B 399 46.54 -5.48 -20.57
CA ASN B 399 45.15 -5.70 -20.96
CA ASN B 399 45.15 -5.70 -20.97
C ASN B 399 44.42 -4.42 -21.40
C ASN B 399 44.50 -4.41 -21.47
N THR B 400 44.71 -3.30 -20.74
CA THR B 400 44.11 -2.03 -21.12
C THR B 400 44.54 -1.59 -22.52
N ILE B 401 45.81 -1.77 -22.85
CA ILE B 401 46.31 -1.42 -24.17
C ILE B 401 45.65 -2.30 -25.25
N ALA B 402 45.52 -3.59 -24.93
CA ALA B 402 44.83 -4.52 -25.82
C ALA B 402 43.41 -4.03 -26.12
N ARG B 403 42.75 -3.45 -25.12
N ARG B 403 42.78 -3.41 -25.13
CA ARG B 403 41.39 -2.97 -25.31
CA ARG B 403 41.39 -2.98 -25.25
C ARG B 403 41.34 -1.75 -26.20
C ARG B 403 41.22 -1.72 -26.09
N LYS B 404 41.99 -0.67 -25.78
CA LYS B 404 41.94 0.57 -26.55
C LYS B 404 43.24 1.40 -26.57
N ARG B 405 44.36 0.72 -26.73
CA ARG B 405 45.63 1.38 -26.97
C ARG B 405 46.07 2.28 -25.84
N LEU B 406 47.06 3.11 -26.10
CA LEU B 406 47.61 3.97 -25.07
C LEU B 406 46.55 4.92 -24.55
N TYR B 407 45.58 5.28 -25.40
CA TYR B 407 44.47 6.10 -24.94
C TYR B 407 43.79 5.48 -23.73
N GLU B 408 43.56 4.16 -23.80
CA GLU B 408 42.82 3.46 -22.75
C GLU B 408 43.64 3.37 -21.48
N MET B 409 44.94 3.11 -21.63
CA MET B 409 45.81 3.01 -20.49
C MET B 409 45.82 4.34 -19.74
N ASN B 410 46.04 5.43 -20.45
CA ASN B 410 46.18 6.74 -19.81
C ASN B 410 44.90 7.31 -19.19
N VAL B 411 43.74 6.83 -19.64
CA VAL B 411 42.48 7.23 -19.00
C VAL B 411 42.06 6.28 -17.86
N VAL B 412 42.47 5.02 -17.95
CA VAL B 412 42.19 4.06 -16.88
C VAL B 412 43.06 4.31 -15.64
N ILE B 413 44.32 4.68 -15.85
CA ILE B 413 45.22 4.89 -14.72
C ILE B 413 44.99 6.28 -14.13
N SER B 414 45.50 6.50 -12.93
CA SER B 414 45.36 7.80 -12.26
C SER B 414 46.18 8.91 -12.97
N ASP B 415 45.84 10.17 -12.70
CA ASP B 415 46.61 11.29 -13.22
C ASP B 415 48.08 11.21 -12.77
N THR B 416 48.31 10.68 -11.58
CA THR B 416 49.68 10.49 -11.10
C THR B 416 50.44 9.46 -11.96
N ALA B 417 49.80 8.33 -12.25
CA ALA B 417 50.44 7.33 -13.10
C ALA B 417 50.64 7.86 -14.52
N GLU B 418 49.67 8.62 -15.02
CA GLU B 418 49.73 9.13 -16.39
C GLU B 418 50.85 10.15 -16.54
N TYR B 419 50.92 11.08 -15.60
CA TYR B 419 51.99 12.07 -15.58
C TYR B 419 53.34 11.39 -15.45
N GLY B 420 53.42 10.42 -14.52
CA GLY B 420 54.63 9.63 -14.34
C GLY B 420 55.03 8.95 -15.64
N ASN B 421 54.05 8.36 -16.30
CA ASN B 421 54.27 7.72 -17.59
C ASN B 421 54.97 8.66 -18.59
N TYR B 422 54.30 9.76 -18.91
CA TYR B 422 54.81 10.74 -19.86
C TYR B 422 56.22 11.24 -19.52
N LEU B 423 56.43 11.57 -18.25
CA LEU B 423 57.71 12.06 -17.79
C LEU B 423 58.81 11.05 -18.16
N PHE B 424 58.52 9.76 -17.93
CA PHE B 424 59.42 8.67 -18.30
C PHE B 424 59.50 8.46 -19.81
N SER B 425 58.33 8.34 -20.42
CA SER B 425 58.22 7.93 -21.80
C SER B 425 58.90 8.93 -22.73
N TYR B 426 58.73 10.21 -22.45
CA TYR B 426 59.30 11.23 -23.32
C TYR B 426 60.81 11.34 -23.17
N ALA B 427 61.36 10.72 -22.14
CA ALA B 427 62.81 10.65 -22.02
C ALA B 427 63.32 9.34 -22.63
N CYS B 428 62.59 8.25 -22.39
CA CYS B 428 63.01 6.94 -22.84
C CYS B 428 62.98 6.77 -24.36
N VAL B 429 61.99 7.37 -25.03
CA VAL B 429 61.91 7.28 -26.50
C VAL B 429 63.17 7.78 -27.22
N PRO B 430 63.58 9.05 -26.99
CA PRO B 430 64.79 9.51 -27.67
C PRO B 430 66.05 8.78 -27.18
N LEU B 431 66.06 8.40 -25.91
CA LEU B 431 67.19 7.64 -25.34
C LEU B 431 67.49 6.39 -26.13
N LEU B 432 66.43 5.70 -26.55
CA LEU B 432 66.59 4.41 -27.19
C LEU B 432 66.76 4.47 -28.73
N LYS B 433 66.75 5.67 -29.30
CA LYS B 433 66.82 5.81 -30.76
C LYS B 433 68.04 5.14 -31.42
N PRO B 434 69.24 5.40 -30.89
CA PRO B 434 70.41 4.72 -31.47
C PRO B 434 70.28 3.20 -31.38
N PHE B 435 69.75 2.70 -30.26
CA PHE B 435 69.56 1.27 -30.06
C PHE B 435 68.64 0.66 -31.12
N MET B 436 67.47 1.28 -31.33
CA MET B 436 66.54 0.80 -32.35
C MET B 436 67.17 0.81 -33.75
N ALA B 437 68.04 1.78 -34.01
CA ALA B 437 68.65 1.90 -35.33
C ALA B 437 69.57 0.73 -35.65
N GLU B 438 70.07 0.05 -34.61
CA GLU B 438 70.98 -1.07 -34.80
C GLU B 438 70.34 -2.45 -34.60
N LEU B 439 69.02 -2.53 -34.63
CA LEU B 439 68.36 -3.83 -34.51
C LEU B 439 68.73 -4.73 -35.70
N GLN B 440 68.74 -6.03 -35.44
CA GLN B 440 69.04 -7.02 -36.47
C GLN B 440 67.76 -7.78 -36.84
N PRO B 441 67.73 -8.37 -38.05
CA PRO B 441 66.54 -9.17 -38.40
C PRO B 441 66.23 -10.21 -37.32
N GLY B 442 64.95 -10.45 -37.07
CA GLY B 442 64.54 -11.33 -35.99
C GLY B 442 64.26 -10.58 -34.69
N ASP B 443 64.90 -9.44 -34.52
CA ASP B 443 64.70 -8.66 -33.29
C ASP B 443 63.25 -8.22 -33.10
N LEU B 444 62.58 -7.90 -34.20
CA LEU B 444 61.25 -7.35 -34.11
C LEU B 444 60.51 -7.53 -35.43
N GLY B 445 59.40 -8.27 -35.39
CA GLY B 445 58.52 -8.38 -36.55
C GLY B 445 58.73 -9.59 -37.42
N LYS B 446 59.69 -10.43 -37.03
CA LYS B 446 59.96 -11.66 -37.77
C LYS B 446 60.57 -12.70 -36.86
N ALA B 447 60.14 -13.95 -37.01
CA ALA B 447 60.63 -15.01 -36.13
C ALA B 447 62.11 -15.26 -36.34
N ILE B 448 62.81 -15.53 -35.25
CA ILE B 448 64.16 -16.07 -35.30
C ILE B 448 64.01 -17.58 -35.37
N PRO B 449 64.61 -18.21 -36.39
CA PRO B 449 64.37 -19.65 -36.59
C PRO B 449 64.88 -20.49 -35.42
N GLU B 450 64.04 -21.39 -34.93
CA GLU B 450 64.47 -22.41 -33.97
C GLU B 450 65.65 -23.19 -34.56
N GLY B 451 66.42 -23.86 -33.71
CA GLY B 451 67.60 -24.56 -34.17
C GLY B 451 68.58 -24.86 -33.03
N ALA B 452 69.78 -25.28 -33.40
CA ALA B 452 70.79 -25.64 -32.41
C ALA B 452 71.36 -24.40 -31.75
N VAL B 453 71.74 -24.54 -30.48
CA VAL B 453 72.46 -23.51 -29.75
C VAL B 453 73.50 -24.22 -28.91
N ASP B 454 74.54 -23.50 -28.55
CA ASP B 454 75.56 -24.04 -27.66
C ASP B 454 74.95 -24.50 -26.34
N ASN B 455 75.31 -25.69 -25.89
CA ASN B 455 74.77 -26.24 -24.66
C ASN B 455 75.03 -25.35 -23.43
N GLY B 456 76.29 -24.98 -23.21
CA GLY B 456 76.67 -24.19 -22.06
C GLY B 456 75.98 -22.83 -22.00
N GLN B 457 75.94 -22.15 -23.15
CA GLN B 457 75.30 -20.86 -23.25
C GLN B 457 73.83 -20.94 -22.88
N LEU B 458 73.12 -21.92 -23.44
CA LEU B 458 71.71 -22.13 -23.13
C LEU B 458 71.50 -22.40 -21.64
N ARG B 459 72.37 -23.23 -21.06
CA ARG B 459 72.28 -23.52 -19.64
C ARG B 459 72.44 -22.25 -18.83
N ASP B 460 73.44 -21.48 -19.18
CA ASP B 460 73.79 -20.29 -18.42
C ASP B 460 72.70 -19.22 -18.52
N VAL B 461 72.14 -19.03 -19.71
CA VAL B 461 71.04 -18.10 -19.87
C VAL B 461 69.84 -18.54 -19.04
N ASN B 462 69.49 -19.82 -19.12
CA ASN B 462 68.35 -20.33 -18.34
C ASN B 462 68.59 -20.11 -16.86
N GLU B 463 69.81 -20.34 -16.40
CA GLU B 463 70.15 -20.12 -14.99
C GLU B 463 70.08 -18.63 -14.64
N ALA B 464 70.62 -17.77 -15.50
CA ALA B 464 70.58 -16.34 -15.22
C ALA B 464 69.15 -15.79 -15.20
N ILE B 465 68.28 -16.36 -16.02
CA ILE B 465 66.88 -15.94 -16.02
C ILE B 465 66.19 -16.33 -14.73
N ARG B 466 66.24 -17.61 -14.41
CA ARG B 466 65.45 -18.06 -13.26
C ARG B 466 66.07 -17.72 -11.92
N SER B 467 67.36 -17.38 -11.90
CA SER B 467 68.00 -17.07 -10.62
C SER B 467 67.90 -15.57 -10.26
N HIS B 468 67.36 -14.76 -11.16
CA HIS B 468 67.15 -13.36 -10.83
C HIS B 468 66.26 -13.23 -9.59
N ALA B 469 66.61 -12.29 -8.73
CA ALA B 469 65.87 -12.11 -7.48
C ALA B 469 64.37 -11.94 -7.72
N ILE B 470 63.98 -11.29 -8.81
CA ILE B 470 62.54 -11.08 -9.04
C ILE B 470 61.87 -12.40 -9.41
N GLU B 471 62.61 -13.28 -10.06
CA GLU B 471 62.07 -14.58 -10.39
C GLU B 471 61.98 -15.48 -9.16
N GLN B 472 62.98 -15.43 -8.28
CA GLN B 472 62.94 -16.23 -7.05
C GLN B 472 61.79 -15.84 -6.13
N VAL B 473 61.64 -14.53 -5.87
CA VAL B 473 60.55 -14.11 -4.99
C VAL B 473 59.18 -14.30 -5.68
N GLY B 474 59.14 -14.11 -6.99
CA GLY B 474 57.91 -14.32 -7.75
C GLY B 474 57.44 -15.77 -7.68
N LYS B 475 58.36 -16.70 -7.81
CA LYS B 475 58.00 -18.11 -7.77
C LYS B 475 57.48 -18.46 -6.37
N LYS B 476 58.14 -17.93 -5.34
CA LYS B 476 57.67 -18.10 -3.97
C LYS B 476 56.25 -17.51 -3.75
N LEU B 477 56.04 -16.25 -4.14
CA LEU B 477 54.76 -15.62 -3.86
C LEU B 477 53.61 -16.29 -4.61
N ARG B 478 53.83 -16.58 -5.89
CA ARG B 478 52.81 -17.24 -6.69
C ARG B 478 52.51 -18.63 -6.11
N GLY B 479 53.52 -19.21 -5.48
CA GLY B 479 53.34 -20.45 -4.73
C GLY B 479 52.38 -20.29 -3.56
N TYR B 480 52.70 -19.40 -2.63
CA TYR B 480 51.78 -19.15 -1.52
C TYR B 480 50.37 -18.99 -2.09
N MET B 481 50.22 -18.05 -3.02
CA MET B 481 48.90 -17.67 -3.54
C MET B 481 48.15 -18.81 -4.22
N THR B 482 48.87 -19.62 -4.99
CA THR B 482 48.29 -20.85 -5.56
C THR B 482 47.84 -21.82 -4.48
N ASP B 483 48.62 -21.94 -3.41
CA ASP B 483 48.26 -22.83 -2.32
C ASP B 483 46.99 -22.35 -1.64
N MET B 484 46.91 -21.05 -1.36
CA MET B 484 45.73 -20.48 -0.71
C MET B 484 44.48 -20.67 -1.58
N LYS B 485 44.63 -20.52 -2.89
CA LYS B 485 43.50 -20.69 -3.79
C LYS B 485 42.92 -22.10 -3.68
N ARG B 486 43.79 -23.10 -3.64
CA ARG B 486 43.35 -24.48 -3.55
C ARG B 486 42.58 -24.76 -2.27
N ILE B 487 42.97 -24.12 -1.18
CA ILE B 487 42.23 -24.25 0.05
C ILE B 487 40.84 -23.66 -0.09
N ALA B 488 40.78 -22.42 -0.58
CA ALA B 488 39.54 -21.67 -0.59
C ALA B 488 38.47 -22.32 -1.46
N VAL B 489 38.87 -22.72 -2.67
CA VAL B 489 37.95 -23.36 -3.61
C VAL B 489 37.67 -24.82 -3.24
#